data_4J5T
#
_entry.id   4J5T
#
_cell.length_a   94.800
_cell.length_b   101.800
_cell.length_c   103.300
_cell.angle_alpha   90.00
_cell.angle_beta   90.00
_cell.angle_gamma   90.00
#
_symmetry.space_group_name_H-M   'P 21 21 21'
#
loop_
_entity.id
_entity.type
_entity.pdbx_description
1 polymer 'Mannosyl-oligosaccharide glucosidase'
2 branched 2-acetamido-2-deoxy-beta-D-glucopyranose-(1-4)-2-acetamido-2-deoxy-beta-D-glucopyranose
3 water water
#
_entity_poly.entity_id   1
_entity_poly.type   'polypeptide(L)'
_entity_poly.pdbx_seq_one_letter_code
;AEFMEEYQKFTNESLLWAPYRSNCYFGMRPRYVHESPLIMGIMWFNSLSQDGLHSLRHFATPQDKLQKYGWEVYDPRIGG
KEVFIDEKNNLNLTVYFVKSKNGENWSVRVQGEPLDPKRPSTASVVLYFSQNGGEIDGKSSLAMIGHDGPNDMKFFGYSK
ELGEYHLTVKDNFGHYFKNPEYETMEVAPGSDCSKTSHLSLQIPDKEVWKARDVFQSLVSDSIRDILEKEETKQRPADLI
PSVLTIRNLYNFNPGNFHYIQKTFDLTKKDGFQFDITYNKLGTTQSISTREQVTELITWSLNEINARFDKQFSFGEGPDS
IESVEVKRRFALETLSNLLGGIGYFYGNQLIDRETEFDESQFTEIKLLNAKEEGPFELFTSVPSRGFFPRGFYWDEGFHL
LQIMEYDFDLAFEILASWFEMIEDDSGWIAREIILGNEARSKVPQEFQVQNPNIANPPTLLLAFSEMLSRAIENIGDFNS
DSYHQVMFNSRTAKFMTNNLEANPGLLTEYAKKIYPKLLKHYNWFRKSQTGLIDEYEEILEDEGIWDKIHKNEVYRWVGR
TFTHCLPSGMDDYPRAQPPDVAELNVDALAWVGVMTRSMKQIAHVLKLTQDEQRYAQIEQEVVENLDLLHWSENDNCYCD
ISIDPEDDEIREFVCHEGYVSVLPFALKLIPKNSPKLEKVVALMSDPEKIFSDYGLLSLSRQDDYFGKDENYWRGPIWMN
INYLCLDAMRYYYPEVILDVAGEASNAKKLYQSLKINLSNNIYKVWEEQGYCYENYSPIDGHGTGAEHFTGWTALVVNIL
GRFRSHHHHHH
;
_entity_poly.pdbx_strand_id   A
#
# COMPACT_ATOMS: atom_id res chain seq x y z
N ALA A 1 -31.03 3.48 -4.47
CA ALA A 1 -30.21 4.59 -3.93
C ALA A 1 -30.28 4.64 -2.40
N GLU A 2 -31.49 4.48 -1.87
CA GLU A 2 -31.73 4.49 -0.43
C GLU A 2 -31.00 3.33 0.24
N PHE A 3 -31.07 2.15 -0.37
CA PHE A 3 -30.34 0.99 0.11
C PHE A 3 -28.83 1.24 0.07
N MET A 4 -28.37 1.86 -1.01
CA MET A 4 -26.94 2.15 -1.16
C MET A 4 -26.44 3.08 -0.05
N GLU A 5 -27.21 4.11 0.27
CA GLU A 5 -26.85 5.03 1.34
C GLU A 5 -26.85 4.36 2.72
N GLU A 6 -27.72 3.37 2.90
CA GLU A 6 -27.74 2.58 4.14
C GLU A 6 -26.48 1.73 4.24
N TYR A 7 -26.10 1.10 3.13
CA TYR A 7 -24.85 0.34 3.07
C TYR A 7 -23.64 1.26 3.29
N GLN A 8 -23.61 2.38 2.57
CA GLN A 8 -22.49 3.31 2.66
C GLN A 8 -22.36 3.93 4.06
N LYS A 9 -23.49 4.13 4.73
CA LYS A 9 -23.49 4.63 6.11
C LYS A 9 -22.80 3.65 7.05
N PHE A 10 -23.18 2.38 6.99
CA PHE A 10 -22.54 1.34 7.81
C PHE A 10 -21.06 1.18 7.47
N THR A 11 -20.74 1.20 6.17
CA THR A 11 -19.35 1.06 5.73
C THR A 11 -18.50 2.20 6.31
N ASN A 12 -18.95 3.43 6.11
CA ASN A 12 -18.30 4.61 6.69
C ASN A 12 -18.02 4.49 8.17
N GLU A 13 -19.04 4.08 8.91
CA GLU A 13 -18.94 3.98 10.36
C GLU A 13 -17.95 2.91 10.80
N SER A 14 -17.93 1.79 10.09
N SER A 14 -17.92 1.79 10.10
CA SER A 14 -17.02 0.69 10.37
CA SER A 14 -16.99 0.70 10.44
C SER A 14 -15.56 1.05 10.10
C SER A 14 -15.53 1.06 10.11
N LEU A 15 -15.33 1.91 9.11
CA LEU A 15 -13.96 2.31 8.71
C LEU A 15 -13.54 3.71 9.19
N LEU A 16 -14.38 4.39 9.97
CA LEU A 16 -14.08 5.76 10.41
C LEU A 16 -12.77 5.86 11.18
N TRP A 17 -12.58 4.99 12.16
CA TRP A 17 -11.44 5.11 13.09
C TRP A 17 -10.44 4.01 12.92
N ALA A 18 -9.20 4.38 12.65
CA ALA A 18 -8.08 3.44 12.60
C ALA A 18 -6.76 4.21 12.54
N PRO A 19 -5.64 3.50 12.74
CA PRO A 19 -4.31 4.13 12.63
C PRO A 19 -3.95 4.48 11.19
N TYR A 20 -4.68 5.42 10.60
CA TYR A 20 -4.58 5.71 9.16
C TYR A 20 -3.40 6.60 8.78
N ARG A 21 -2.58 6.99 9.74
CA ARG A 21 -1.35 7.73 9.44
C ARG A 21 -0.23 6.69 9.34
N SER A 22 -0.25 5.92 8.26
CA SER A 22 0.60 4.75 8.12
C SER A 22 2.08 5.07 7.94
N ASN A 23 2.41 6.32 7.61
CA ASN A 23 3.79 6.79 7.64
C ASN A 23 4.37 6.81 9.07
N CYS A 24 3.50 6.90 10.08
CA CYS A 24 3.93 6.83 11.48
C CYS A 24 4.00 5.39 11.95
N TYR A 25 4.91 5.11 12.89
CA TYR A 25 4.94 3.80 13.56
C TYR A 25 3.56 3.51 14.15
N PHE A 26 3.00 4.50 14.84
CA PHE A 26 1.60 4.47 15.23
C PHE A 26 1.03 5.88 15.25
N GLY A 27 0.18 6.17 14.27
CA GLY A 27 -0.47 7.47 14.17
C GLY A 27 -1.90 7.28 13.70
N MET A 28 -2.81 8.10 14.21
CA MET A 28 -4.22 7.97 13.89
C MET A 28 -4.84 9.27 13.40
N ARG A 29 -5.77 9.13 12.47
CA ARG A 29 -6.71 10.19 12.14
C ARG A 29 -7.95 9.52 11.56
N PRO A 30 -9.12 10.16 11.72
CA PRO A 30 -10.35 9.56 11.20
C PRO A 30 -10.44 9.64 9.67
N ARG A 31 -10.97 8.60 9.06
CA ARG A 31 -11.07 8.50 7.60
C ARG A 31 -11.96 9.60 7.03
N TYR A 32 -11.52 10.21 5.93
CA TYR A 32 -12.28 11.24 5.20
C TYR A 32 -12.67 12.48 6.01
N VAL A 33 -11.91 12.78 7.06
CA VAL A 33 -12.12 14.00 7.84
C VAL A 33 -10.92 14.92 7.59
N HIS A 34 -11.13 15.95 6.77
CA HIS A 34 -10.01 16.81 6.35
C HIS A 34 -9.98 18.18 6.98
N GLU A 35 -11.11 18.68 7.48
CA GLU A 35 -11.13 20.03 8.06
C GLU A 35 -10.83 20.03 9.56
N SER A 36 -11.49 19.18 10.33
CA SER A 36 -11.30 19.16 11.78
C SER A 36 -11.05 17.74 12.31
N PRO A 37 -9.95 17.11 11.84
CA PRO A 37 -9.58 15.81 12.38
C PRO A 37 -8.91 15.91 13.73
N LEU A 38 -9.14 14.91 14.58
CA LEU A 38 -8.27 14.66 15.72
C LEU A 38 -7.08 13.85 15.22
N ILE A 39 -5.88 14.36 15.44
CA ILE A 39 -4.65 13.72 15.01
C ILE A 39 -3.92 13.21 16.23
N MET A 40 -3.46 11.96 16.17
CA MET A 40 -2.69 11.38 17.27
C MET A 40 -1.47 10.65 16.73
N GLY A 41 -0.39 10.67 17.52
CA GLY A 41 0.78 9.87 17.24
C GLY A 41 1.51 9.49 18.51
N ILE A 42 2.35 8.47 18.41
CA ILE A 42 3.16 8.01 19.53
C ILE A 42 4.63 8.06 19.15
N MET A 43 5.43 8.66 20.01
CA MET A 43 6.89 8.66 19.85
C MET A 43 7.51 8.06 21.10
N TRP A 44 8.75 7.61 20.98
CA TRP A 44 9.49 7.14 22.15
C TRP A 44 10.98 7.22 21.98
N PHE A 45 11.68 7.22 23.11
CA PHE A 45 13.15 7.22 23.11
C PHE A 45 13.70 6.82 24.47
N ASN A 46 15.01 6.56 24.52
CA ASN A 46 15.70 6.28 25.78
C ASN A 46 16.27 7.56 26.35
N SER A 47 15.62 8.10 27.37
CA SER A 47 16.01 9.39 27.95
C SER A 47 17.15 9.29 28.96
N LEU A 48 17.60 8.07 29.27
CA LEU A 48 18.69 7.88 30.23
C LEU A 48 20.05 8.27 29.66
N SER A 49 20.19 8.24 28.34
CA SER A 49 21.42 8.68 27.68
C SER A 49 21.32 10.16 27.29
N GLN A 50 22.47 10.82 27.25
CA GLN A 50 22.55 12.26 26.94
C GLN A 50 22.05 12.62 25.53
N ASP A 51 22.18 11.69 24.60
CA ASP A 51 21.80 11.90 23.20
C ASP A 51 20.62 11.01 22.79
N GLY A 52 19.68 10.85 23.72
CA GLY A 52 18.49 10.03 23.48
C GLY A 52 17.56 10.62 22.43
N LEU A 53 17.57 11.94 22.29
CA LEU A 53 16.74 12.63 21.31
C LEU A 53 17.07 12.24 19.85
N HIS A 54 18.31 11.80 19.62
CA HIS A 54 18.71 11.31 18.29
C HIS A 54 18.10 9.97 17.94
N SER A 55 17.70 9.19 18.94
N SER A 55 17.69 9.22 18.96
CA SER A 55 17.02 7.92 18.70
CA SER A 55 17.03 7.92 18.79
C SER A 55 15.51 8.03 19.00
C SER A 55 15.52 8.02 18.97
N LEU A 56 14.94 9.20 18.73
CA LEU A 56 13.52 9.42 18.92
C LEU A 56 12.74 8.84 17.73
N ARG A 57 11.89 7.86 18.02
CA ARG A 57 11.11 7.19 16.98
C ARG A 57 9.82 7.96 16.73
N HIS A 58 9.45 8.13 15.48
CA HIS A 58 8.19 8.75 15.12
C HIS A 58 7.68 8.21 13.81
N PHE A 59 8.28 8.62 12.71
CA PHE A 59 7.94 8.07 11.40
C PHE A 59 8.67 6.76 11.17
N ALA A 60 8.01 5.84 10.46
CA ALA A 60 8.65 4.60 10.05
C ALA A 60 9.73 4.93 9.01
N THR A 61 10.95 4.51 9.30
CA THR A 61 12.07 4.68 8.37
C THR A 61 13.04 3.52 8.50
N PRO A 62 13.58 3.03 7.36
CA PRO A 62 14.57 1.95 7.40
C PRO A 62 15.85 2.36 8.12
N GLN A 63 16.10 3.66 8.22
CA GLN A 63 17.27 4.20 8.90
C GLN A 63 17.28 3.94 10.41
N ASP A 64 16.11 3.68 11.00
CA ASP A 64 16.02 3.34 12.43
C ASP A 64 16.56 1.96 12.76
N LYS A 65 16.54 1.06 11.79
CA LYS A 65 17.07 -0.30 11.98
C LYS A 65 16.48 -0.98 13.21
N LEU A 66 15.16 -0.94 13.34
CA LEU A 66 14.47 -1.68 14.39
C LEU A 66 14.59 -3.17 14.07
N GLN A 67 14.76 -4.00 15.08
CA GLN A 67 14.80 -5.45 14.87
C GLN A 67 13.53 -5.90 14.15
N LYS A 68 12.39 -5.36 14.59
CA LYS A 68 11.11 -5.69 13.98
C LYS A 68 10.04 -4.67 14.33
N TYR A 69 9.14 -4.42 13.39
CA TYR A 69 7.94 -3.65 13.66
C TYR A 69 6.84 -4.07 12.68
N GLY A 70 5.58 -3.90 13.10
CA GLY A 70 4.45 -4.23 12.24
C GLY A 70 3.32 -4.92 12.97
N TRP A 71 2.20 -5.07 12.27
CA TRP A 71 1.01 -5.70 12.82
C TRP A 71 1.13 -7.18 12.77
N GLU A 72 0.87 -7.84 13.89
CA GLU A 72 0.76 -9.30 13.92
C GLU A 72 -0.65 -9.71 13.50
N VAL A 73 -1.63 -8.92 13.93
CA VAL A 73 -3.03 -9.11 13.57
C VAL A 73 -3.65 -7.73 13.42
N TYR A 74 -4.36 -7.50 12.32
CA TYR A 74 -4.95 -6.19 12.06
C TYR A 74 -6.03 -6.20 10.97
N ASP A 75 -7.11 -5.48 11.24
CA ASP A 75 -8.19 -5.25 10.29
C ASP A 75 -8.77 -3.89 10.65
N PRO A 76 -8.75 -2.91 9.73
CA PRO A 76 -9.13 -1.55 10.14
C PRO A 76 -10.59 -1.39 10.56
N ARG A 77 -11.44 -2.37 10.22
CA ARG A 77 -12.82 -2.39 10.69
C ARG A 77 -12.91 -2.72 12.18
N ILE A 78 -11.88 -3.33 12.73
CA ILE A 78 -11.93 -3.93 14.06
C ILE A 78 -10.87 -3.36 14.99
N GLY A 79 -9.62 -3.52 14.58
CA GLY A 79 -8.48 -3.12 15.41
C GLY A 79 -7.34 -4.08 15.18
N GLY A 80 -6.46 -4.21 16.18
CA GLY A 80 -5.35 -5.14 16.05
C GLY A 80 -4.26 -4.96 17.10
N LYS A 81 -3.14 -5.64 16.86
CA LYS A 81 -1.99 -5.65 17.75
C LYS A 81 -0.73 -5.36 16.97
N GLU A 82 -0.05 -4.26 17.29
CA GLU A 82 1.20 -3.90 16.63
C GLU A 82 2.36 -4.01 17.60
N VAL A 83 3.48 -4.53 17.14
CA VAL A 83 4.66 -4.72 17.99
C VAL A 83 5.88 -4.03 17.38
N PHE A 84 6.70 -3.43 18.25
CA PHE A 84 7.94 -2.76 17.86
C PHE A 84 9.09 -3.26 18.74
N ILE A 85 10.05 -3.93 18.13
CA ILE A 85 11.25 -4.38 18.85
C ILE A 85 12.40 -3.42 18.53
N ASP A 86 12.84 -2.69 19.55
CA ASP A 86 13.81 -1.61 19.39
C ASP A 86 15.01 -1.86 20.31
N GLU A 87 16.02 -2.53 19.78
CA GLU A 87 17.18 -2.95 20.57
C GLU A 87 17.99 -1.77 21.12
N LYS A 88 18.24 -0.77 20.28
CA LYS A 88 18.92 0.47 20.68
C LYS A 88 18.32 1.08 21.95
N ASN A 89 16.98 1.17 21.97
CA ASN A 89 16.27 1.76 23.10
C ASN A 89 15.83 0.74 24.16
N ASN A 90 16.29 -0.50 24.03
CA ASN A 90 15.99 -1.58 24.99
C ASN A 90 14.49 -1.83 25.15
N LEU A 91 13.69 -1.42 24.17
CA LEU A 91 12.25 -1.37 24.36
C LEU A 91 11.50 -2.41 23.52
N ASN A 92 10.62 -3.13 24.21
CA ASN A 92 9.72 -4.09 23.60
C ASN A 92 8.32 -3.52 23.72
N LEU A 93 7.86 -2.85 22.66
CA LEU A 93 6.62 -2.09 22.70
C LEU A 93 5.51 -2.81 21.95
N THR A 94 4.36 -2.97 22.60
CA THR A 94 3.15 -3.49 21.97
C THR A 94 2.06 -2.44 22.04
N VAL A 95 1.37 -2.23 20.92
CA VAL A 95 0.24 -1.29 20.87
C VAL A 95 -1.00 -2.01 20.35
N TYR A 96 -2.05 -2.02 21.16
CA TYR A 96 -3.33 -2.58 20.76
C TYR A 96 -4.28 -1.47 20.37
N PHE A 97 -5.11 -1.72 19.36
CA PHE A 97 -6.17 -0.78 18.98
C PHE A 97 -7.48 -1.54 18.92
N VAL A 98 -8.49 -1.02 19.62
CA VAL A 98 -9.83 -1.61 19.60
C VAL A 98 -10.90 -0.52 19.48
N LYS A 99 -12.11 -0.95 19.10
CA LYS A 99 -13.22 -0.04 18.87
C LYS A 99 -14.54 -0.60 19.42
N SER A 100 -15.48 0.29 19.71
CA SER A 100 -16.83 -0.13 20.09
C SER A 100 -17.52 -0.75 18.88
N LYS A 101 -18.56 -1.53 19.12
CA LYS A 101 -19.22 -2.28 18.04
C LYS A 101 -19.73 -1.39 16.91
N ASN A 102 -20.24 -0.20 17.24
CA ASN A 102 -20.64 0.78 16.22
C ASN A 102 -19.48 1.59 15.64
N GLY A 103 -18.27 1.38 16.17
CA GLY A 103 -17.05 1.97 15.64
C GLY A 103 -16.83 3.44 15.95
N GLU A 104 -17.68 4.03 16.80
CA GLU A 104 -17.61 5.47 17.09
C GLU A 104 -16.70 5.80 18.29
N ASN A 105 -16.45 4.80 19.14
CA ASN A 105 -15.53 4.95 20.27
C ASN A 105 -14.33 4.05 20.03
N TRP A 106 -13.17 4.43 20.58
CA TRP A 106 -11.97 3.61 20.42
C TRP A 106 -11.02 3.71 21.58
N SER A 107 -10.17 2.71 21.71
CA SER A 107 -9.15 2.71 22.74
C SER A 107 -7.82 2.19 22.19
N VAL A 108 -6.73 2.79 22.65
CA VAL A 108 -5.39 2.33 22.34
C VAL A 108 -4.71 1.97 23.66
N ARG A 109 -4.21 0.75 23.74
CA ARG A 109 -3.43 0.31 24.89
C ARG A 109 -1.97 0.23 24.48
N VAL A 110 -1.13 0.99 25.17
CA VAL A 110 0.31 0.95 24.95
C VAL A 110 0.94 0.13 26.07
N GLN A 111 1.69 -0.90 25.69
CA GLN A 111 2.27 -1.84 26.63
C GLN A 111 3.75 -2.00 26.32
N GLY A 112 4.60 -1.71 27.29
CA GLY A 112 6.04 -1.80 27.10
C GLY A 112 6.72 -2.68 28.13
N GLU A 113 7.86 -3.24 27.74
CA GLU A 113 8.71 -4.00 28.66
C GLU A 113 10.13 -3.97 28.11
N PRO A 114 11.13 -4.12 28.99
CA PRO A 114 12.51 -4.09 28.52
C PRO A 114 12.88 -5.34 27.74
N LEU A 115 13.80 -5.20 26.77
CA LEU A 115 14.38 -6.36 26.10
C LEU A 115 15.41 -7.01 27.02
N ASP A 116 16.21 -6.18 27.69
CA ASP A 116 17.16 -6.63 28.70
C ASP A 116 16.85 -5.90 30.02
N PRO A 117 16.31 -6.62 31.02
CA PRO A 117 15.92 -6.02 32.32
C PRO A 117 17.04 -5.43 33.18
N LYS A 118 18.30 -5.70 32.84
CA LYS A 118 19.43 -5.21 33.64
C LYS A 118 20.29 -4.17 32.90
N ARG A 119 19.85 -3.75 31.71
CA ARG A 119 20.49 -2.63 31.02
C ARG A 119 19.86 -1.33 31.50
N PRO A 120 20.64 -0.47 32.18
CA PRO A 120 20.08 0.80 32.66
C PRO A 120 19.56 1.66 31.52
N SER A 121 18.26 1.93 31.53
CA SER A 121 17.61 2.68 30.46
C SER A 121 16.19 3.07 30.86
N THR A 122 15.60 3.99 30.10
CA THR A 122 14.21 4.38 30.29
C THR A 122 13.44 4.25 28.98
N ALA A 123 12.12 4.12 29.10
CA ALA A 123 11.22 4.22 27.97
C ALA A 123 10.42 5.49 28.12
N SER A 124 10.89 6.56 27.50
CA SER A 124 10.19 7.84 27.53
C SER A 124 9.22 7.89 26.36
N VAL A 125 7.95 7.59 26.63
CA VAL A 125 6.92 7.56 25.60
C VAL A 125 6.22 8.91 25.52
N VAL A 126 6.20 9.49 24.33
CA VAL A 126 5.55 10.78 24.11
C VAL A 126 4.33 10.62 23.21
N LEU A 127 3.15 10.83 23.80
CA LEU A 127 1.91 10.89 23.03
C LEU A 127 1.69 12.32 22.61
N TYR A 128 1.15 12.52 21.41
CA TYR A 128 0.66 13.84 21.06
C TYR A 128 -0.71 13.76 20.41
N PHE A 129 -1.54 14.75 20.70
CA PHE A 129 -2.88 14.87 20.16
C PHE A 129 -3.04 16.28 19.62
N SER A 130 -3.76 16.41 18.51
CA SER A 130 -4.10 17.73 17.99
C SER A 130 -5.51 17.67 17.42
N GLN A 131 -6.40 18.48 17.98
CA GLN A 131 -7.70 18.68 17.39
C GLN A 131 -7.55 19.83 16.39
N ASN A 132 -7.55 19.50 15.11
CA ASN A 132 -7.38 20.52 14.06
C ASN A 132 -8.70 21.21 13.73
N GLY A 133 -8.60 22.35 13.05
CA GLY A 133 -9.76 23.02 12.47
C GLY A 133 -10.18 24.33 13.11
N GLY A 134 -9.81 24.54 14.38
CA GLY A 134 -10.25 25.71 15.15
C GLY A 134 -9.98 27.03 14.48
N GLU A 135 -8.79 27.19 13.92
CA GLU A 135 -8.42 28.38 13.16
C GLU A 135 -9.30 28.61 11.91
N ILE A 136 -9.86 27.52 11.38
CA ILE A 136 -10.74 27.59 10.19
C ILE A 136 -12.20 27.75 10.58
N ASP A 137 -12.72 26.79 11.36
CA ASP A 137 -14.15 26.71 11.66
C ASP A 137 -14.60 27.50 12.89
N GLY A 138 -13.63 27.98 13.68
CA GLY A 138 -13.92 28.82 14.83
C GLY A 138 -14.58 28.12 16.02
N LYS A 139 -14.58 26.80 16.02
CA LYS A 139 -15.26 26.02 17.06
C LYS A 139 -14.48 24.82 17.58
N SER A 140 -13.76 24.15 16.69
CA SER A 140 -13.03 22.95 17.07
C SER A 140 -11.96 23.24 18.11
N SER A 141 -11.87 22.38 19.12
CA SER A 141 -10.97 22.60 20.25
C SER A 141 -10.68 21.29 20.98
N LEU A 142 -9.66 21.34 21.82
CA LEU A 142 -9.35 20.23 22.72
C LEU A 142 -8.67 20.78 23.96
N ALA A 143 -9.25 20.51 25.13
CA ALA A 143 -8.75 21.05 26.39
C ALA A 143 -8.72 19.99 27.48
N MET A 144 -7.66 20.01 28.29
CA MET A 144 -7.61 19.19 29.49
C MET A 144 -8.57 19.77 30.52
N ILE A 145 -9.48 18.94 31.03
CA ILE A 145 -10.47 19.39 32.00
C ILE A 145 -10.23 18.87 33.41
N GLY A 146 -9.26 17.98 33.58
CA GLY A 146 -8.95 17.46 34.91
C GLY A 146 -8.04 16.25 34.91
N HIS A 147 -7.78 15.73 36.11
CA HIS A 147 -6.90 14.59 36.28
C HIS A 147 -7.18 13.85 37.57
N ASP A 148 -6.82 12.58 37.59
CA ASP A 148 -6.91 11.75 38.79
C ASP A 148 -5.49 11.44 39.26
N GLY A 149 -4.92 12.34 40.05
CA GLY A 149 -3.51 12.26 40.41
C GLY A 149 -2.65 12.77 39.27
N PRO A 150 -1.33 12.59 39.38
CA PRO A 150 -0.41 13.14 38.37
C PRO A 150 -0.46 12.48 37.00
N ASN A 151 -0.89 11.22 36.93
CA ASN A 151 -0.69 10.38 35.76
C ASN A 151 -1.94 9.96 34.99
N ASP A 152 -3.12 10.37 35.44
CA ASP A 152 -4.36 10.12 34.71
C ASP A 152 -4.97 11.45 34.31
N MET A 153 -5.26 11.62 33.02
CA MET A 153 -5.70 12.91 32.50
C MET A 153 -6.98 12.79 31.68
N LYS A 154 -7.83 13.80 31.80
CA LYS A 154 -9.13 13.83 31.15
C LYS A 154 -9.19 15.06 30.24
N PHE A 155 -9.57 14.85 28.98
CA PHE A 155 -9.69 15.93 28.01
C PHE A 155 -11.11 16.01 27.48
N PHE A 156 -11.54 17.21 27.13
CA PHE A 156 -12.79 17.41 26.42
C PHE A 156 -12.49 18.07 25.08
N GLY A 157 -13.06 17.53 24.01
CA GLY A 157 -12.80 18.04 22.67
C GLY A 157 -14.06 18.24 21.86
N TYR A 158 -13.96 19.15 20.89
CA TYR A 158 -15.02 19.35 19.90
C TYR A 158 -14.40 19.35 18.51
N SER A 159 -14.93 18.49 17.64
CA SER A 159 -14.61 18.51 16.22
C SER A 159 -15.89 18.88 15.50
N LYS A 160 -15.85 19.91 14.68
CA LYS A 160 -17.02 20.31 13.92
C LYS A 160 -17.59 19.13 13.13
N GLU A 161 -16.70 18.32 12.56
CA GLU A 161 -17.13 17.18 11.75
C GLU A 161 -17.65 16.00 12.57
N LEU A 162 -16.91 15.59 13.61
CA LEU A 162 -17.25 14.39 14.36
C LEU A 162 -17.97 14.62 15.69
N GLY A 163 -18.11 15.88 16.08
CA GLY A 163 -18.87 16.24 17.28
C GLY A 163 -18.02 16.30 18.54
N GLU A 164 -18.69 16.33 19.69
CA GLU A 164 -18.04 16.39 20.99
C GLU A 164 -17.55 15.01 21.40
N TYR A 165 -16.47 14.98 22.18
CA TYR A 165 -15.91 13.72 22.68
C TYR A 165 -15.09 13.93 23.93
N HIS A 166 -14.88 12.82 24.64
CA HIS A 166 -13.96 12.78 25.77
C HIS A 166 -12.77 11.96 25.39
N LEU A 167 -11.59 12.41 25.81
CA LEU A 167 -10.36 11.68 25.59
C LEU A 167 -9.66 11.54 26.93
N THR A 168 -9.31 10.31 27.29
CA THR A 168 -8.66 10.04 28.57
C THR A 168 -7.37 9.27 28.36
N VAL A 169 -6.34 9.65 29.12
CA VAL A 169 -5.09 8.91 29.16
C VAL A 169 -4.89 8.46 30.60
N LYS A 170 -4.86 7.14 30.81
CA LYS A 170 -4.80 6.56 32.16
C LYS A 170 -3.76 5.45 32.24
N ASP A 171 -3.01 5.43 33.34
CA ASP A 171 -2.06 4.36 33.63
C ASP A 171 -2.78 3.16 34.20
N ASN A 172 -2.35 1.97 33.79
CA ASN A 172 -2.79 0.72 34.41
C ASN A 172 -1.72 0.21 35.36
N PHE A 173 -0.47 0.23 34.90
CA PHE A 173 0.70 -0.01 35.77
C PHE A 173 1.97 0.49 35.09
N GLY A 174 3.06 0.49 35.85
CA GLY A 174 4.36 0.95 35.34
C GLY A 174 5.09 1.80 36.35
N HIS A 175 6.40 1.57 36.47
CA HIS A 175 7.23 2.28 37.43
C HIS A 175 7.91 3.45 36.77
N TYR A 176 7.51 4.66 37.16
CA TYR A 176 8.13 5.87 36.64
C TYR A 176 9.56 5.97 37.16
N PHE A 177 10.46 6.47 36.31
CA PHE A 177 11.87 6.55 36.63
C PHE A 177 12.11 7.56 37.75
N LYS A 178 12.81 7.13 38.80
CA LYS A 178 13.25 8.04 39.86
C LYS A 178 14.33 7.40 40.73
N ASN A 179 15.27 8.22 41.19
CA ASN A 179 16.23 7.80 42.20
C ASN A 179 15.59 7.98 43.57
N PRO A 180 15.36 6.88 44.30
CA PRO A 180 14.70 6.96 45.61
C PRO A 180 15.46 7.80 46.63
N GLU A 181 16.79 7.85 46.50
CA GLU A 181 17.65 8.55 47.45
C GLU A 181 17.89 10.03 47.11
N TYR A 182 17.04 10.60 46.26
CA TYR A 182 16.99 12.05 46.08
C TYR A 182 15.72 12.59 46.70
N GLU A 183 15.75 13.87 47.08
CA GLU A 183 14.55 14.54 47.59
C GLU A 183 13.53 14.71 46.47
N THR A 184 14.01 15.05 45.27
CA THR A 184 13.20 15.07 44.06
C THR A 184 14.05 14.80 42.82
N MET A 185 13.40 14.41 41.74
CA MET A 185 14.07 14.22 40.44
C MET A 185 14.08 15.51 39.62
N GLU A 186 13.23 16.47 40.01
CA GLU A 186 13.17 17.77 39.33
C GLU A 186 14.55 18.40 39.20
N VAL A 187 14.82 18.96 38.03
CA VAL A 187 16.00 19.81 37.79
C VAL A 187 15.60 21.24 37.42
N ALA A 188 14.34 21.42 36.99
CA ALA A 188 13.76 22.74 36.74
C ALA A 188 12.24 22.64 36.90
N PRO A 189 11.56 23.80 37.04
CA PRO A 189 10.11 23.76 37.19
C PRO A 189 9.39 23.14 35.98
N GLY A 190 8.94 21.91 36.14
CA GLY A 190 8.27 21.15 35.06
C GLY A 190 9.10 20.00 34.53
N SER A 191 10.42 20.09 34.69
CA SER A 191 11.34 19.06 34.22
C SER A 191 11.55 17.99 35.30
N ASP A 192 10.57 17.09 35.41
CA ASP A 192 10.59 16.04 36.42
C ASP A 192 10.10 14.72 35.80
N CYS A 193 10.99 13.73 35.75
CA CYS A 193 10.72 12.45 35.10
C CYS A 193 9.95 11.45 35.98
N SER A 194 9.70 11.80 37.24
CA SER A 194 9.04 10.89 38.18
C SER A 194 7.52 10.83 38.00
N LYS A 195 6.96 11.72 37.20
CA LYS A 195 5.53 11.71 36.91
C LYS A 195 5.25 12.17 35.48
N THR A 196 4.01 11.95 35.03
CA THR A 196 3.60 12.35 33.68
C THR A 196 3.72 13.85 33.49
N SER A 197 4.30 14.26 32.36
CA SER A 197 4.40 15.66 31.99
C SER A 197 3.43 15.94 30.84
N HIS A 198 2.79 17.10 30.90
CA HIS A 198 1.82 17.50 29.87
C HIS A 198 2.03 18.93 29.46
N LEU A 199 2.00 19.18 28.16
CA LEU A 199 2.15 20.52 27.61
C LEU A 199 1.13 20.74 26.50
N SER A 200 0.40 21.85 26.59
CA SER A 200 -0.57 22.24 25.57
C SER A 200 -0.11 23.53 24.91
N LEU A 201 -0.28 23.64 23.60
CA LEU A 201 0.08 24.84 22.87
C LEU A 201 -0.62 24.91 21.51
N GLN A 202 -0.57 26.07 20.88
CA GLN A 202 -1.23 26.28 19.59
C GLN A 202 -0.25 26.00 18.44
N ILE A 203 -0.57 25.00 17.63
CA ILE A 203 0.19 24.66 16.43
C ILE A 203 -0.73 24.74 15.21
N PRO A 204 -0.33 25.49 14.17
CA PRO A 204 -1.12 25.53 12.94
C PRO A 204 -1.38 24.12 12.39
N ASP A 205 -2.58 23.91 11.87
CA ASP A 205 -3.01 22.58 11.39
C ASP A 205 -1.99 21.95 10.46
N LYS A 206 -1.47 22.74 9.52
CA LYS A 206 -0.51 22.24 8.53
C LYS A 206 0.87 21.89 9.10
N GLU A 207 1.14 22.30 10.33
CA GLU A 207 2.44 22.03 10.98
C GLU A 207 2.37 20.87 11.98
N VAL A 208 1.20 20.27 12.16
CA VAL A 208 1.02 19.23 13.19
C VAL A 208 1.93 18.02 12.94
N TRP A 209 2.18 17.70 11.68
CA TRP A 209 3.06 16.57 11.33
C TRP A 209 4.48 16.71 11.80
N LYS A 210 4.89 17.93 12.16
CA LYS A 210 6.26 18.19 12.64
C LYS A 210 6.40 18.01 14.15
N ALA A 211 5.54 17.17 14.74
CA ALA A 211 5.50 16.96 16.19
C ALA A 211 6.83 16.55 16.80
N ARG A 212 7.63 15.77 16.08
CA ARG A 212 8.94 15.36 16.59
C ARG A 212 9.93 16.53 16.62
N ASP A 213 9.96 17.31 15.55
CA ASP A 213 10.87 18.46 15.47
C ASP A 213 10.54 19.54 16.50
N VAL A 214 9.25 19.80 16.68
CA VAL A 214 8.79 20.76 17.68
C VAL A 214 9.15 20.28 19.09
N PHE A 215 9.00 18.99 19.34
CA PHE A 215 9.37 18.39 20.62
C PHE A 215 10.86 18.57 20.90
N GLN A 216 11.69 18.10 19.96
CA GLN A 216 13.15 18.23 20.08
C GLN A 216 13.58 19.67 20.31
N SER A 217 12.93 20.59 19.58
CA SER A 217 13.24 22.02 19.68
C SER A 217 12.92 22.60 21.06
N LEU A 218 11.76 22.24 21.59
CA LEU A 218 11.33 22.74 22.91
C LEU A 218 12.18 22.18 24.05
N VAL A 219 12.51 20.90 23.95
CA VAL A 219 13.38 20.24 24.94
C VAL A 219 14.80 20.81 24.88
N SER A 220 15.27 21.12 23.67
CA SER A 220 16.59 21.73 23.49
C SER A 220 16.68 23.11 24.15
N ASP A 221 15.60 23.88 24.05
CA ASP A 221 15.53 25.21 24.70
C ASP A 221 15.52 25.10 26.22
N SER A 222 14.90 24.03 26.74
CA SER A 222 14.90 23.76 28.18
C SER A 222 16.29 23.36 28.66
N ILE A 223 16.98 22.55 27.87
CA ILE A 223 18.37 22.15 28.17
C ILE A 223 19.29 23.36 28.22
N ARG A 224 19.13 24.26 27.24
CA ARG A 224 19.92 25.50 27.18
C ARG A 224 19.70 26.35 28.43
N ASP A 225 18.46 26.40 28.90
CA ASP A 225 18.11 27.15 30.11
C ASP A 225 18.74 26.52 31.35
N ILE A 226 18.66 25.19 31.44
CA ILE A 226 19.24 24.45 32.57
C ILE A 226 20.75 24.68 32.70
N LEU A 227 21.49 24.50 31.62
CA LEU A 227 22.95 24.63 31.64
C LEU A 227 23.46 26.08 31.42
N GLU A 228 22.56 27.05 31.50
CA GLU A 228 22.95 28.47 31.46
C GLU A 228 22.13 29.27 32.47
N ARG A 235 24.60 17.41 38.81
CA ARG A 235 24.44 17.02 37.41
C ARG A 235 24.73 15.53 37.18
N PRO A 236 24.23 14.65 38.07
CA PRO A 236 24.50 13.22 37.88
C PRO A 236 23.81 12.65 36.64
N ALA A 237 24.31 11.52 36.16
CA ALA A 237 23.79 10.89 34.94
C ALA A 237 22.31 10.52 35.03
N ASP A 238 21.85 10.16 36.23
CA ASP A 238 20.47 9.72 36.43
C ASP A 238 19.45 10.86 36.60
N LEU A 239 19.89 12.11 36.41
CA LEU A 239 18.97 13.25 36.30
C LEU A 239 18.72 13.66 34.85
N ILE A 240 19.37 12.97 33.91
CA ILE A 240 19.24 13.27 32.48
C ILE A 240 17.80 13.07 31.97
N PRO A 241 17.11 12.01 32.42
CA PRO A 241 15.69 11.85 32.07
C PRO A 241 14.82 13.06 32.46
N SER A 242 15.09 13.67 33.60
CA SER A 242 14.39 14.88 34.01
C SER A 242 14.78 16.07 33.13
N VAL A 243 16.05 16.14 32.75
CA VAL A 243 16.54 17.16 31.81
C VAL A 243 15.85 17.06 30.45
N LEU A 244 15.53 15.84 30.04
CA LEU A 244 14.88 15.59 28.74
C LEU A 244 13.36 15.46 28.84
N THR A 245 12.78 15.96 29.93
CA THR A 245 11.33 16.01 30.10
C THR A 245 10.83 17.36 29.63
N ILE A 246 9.84 17.36 28.74
CA ILE A 246 9.29 18.60 28.21
C ILE A 246 8.59 19.41 29.29
N ARG A 247 8.65 20.74 29.17
CA ARG A 247 8.00 21.65 30.10
C ARG A 247 7.60 22.94 29.39
N ASN A 248 6.66 23.68 29.98
CA ASN A 248 6.19 24.92 29.41
C ASN A 248 7.15 26.07 29.74
N LEU A 249 8.31 26.07 29.08
CA LEU A 249 9.37 27.03 29.37
C LEU A 249 8.97 28.47 29.02
N TYR A 250 8.32 28.64 27.87
CA TYR A 250 7.95 29.97 27.39
C TYR A 250 6.55 30.41 27.85
N ASN A 251 5.89 29.60 28.66
CA ASN A 251 4.57 29.93 29.19
C ASN A 251 3.54 30.10 28.08
N PHE A 252 3.50 29.12 27.16
CA PHE A 252 2.51 29.13 26.08
C PHE A 252 1.12 29.02 26.68
N ASN A 253 0.15 29.70 26.06
CA ASN A 253 -1.25 29.49 26.40
C ASN A 253 -1.69 28.13 25.87
N PRO A 254 -2.66 27.48 26.53
CA PRO A 254 -3.15 26.21 26.01
C PRO A 254 -3.72 26.33 24.59
N GLY A 255 -3.65 25.25 23.82
CA GLY A 255 -4.13 25.25 22.44
C GLY A 255 -4.61 23.90 21.97
N ASN A 256 -4.66 23.75 20.65
CA ASN A 256 -5.16 22.54 19.99
C ASN A 256 -4.26 21.31 20.16
N PHE A 257 -2.97 21.55 20.40
CA PHE A 257 -1.96 20.49 20.39
C PHE A 257 -1.55 20.14 21.81
N HIS A 258 -1.42 18.85 22.10
CA HIS A 258 -1.04 18.38 23.43
C HIS A 258 0.06 17.35 23.37
N TYR A 259 1.14 17.57 24.10
CA TYR A 259 2.15 16.55 24.34
C TYR A 259 1.88 15.91 25.70
N ILE A 260 2.06 14.59 25.78
CA ILE A 260 2.02 13.88 27.06
C ILE A 260 3.22 12.93 27.11
N GLN A 261 4.11 13.18 28.06
CA GLN A 261 5.34 12.40 28.19
C GLN A 261 5.32 11.56 29.47
N LYS A 262 5.63 10.28 29.34
CA LYS A 262 5.74 9.37 30.47
C LYS A 262 7.05 8.61 30.39
N THR A 263 7.88 8.73 31.42
CA THR A 263 9.20 8.10 31.44
C THR A 263 9.22 6.96 32.46
N PHE A 264 9.27 5.73 31.95
CA PHE A 264 9.28 4.54 32.79
C PHE A 264 10.68 3.97 32.93
N ASP A 265 10.95 3.37 34.09
CA ASP A 265 12.23 2.69 34.34
C ASP A 265 12.18 1.31 33.69
N LEU A 266 13.12 1.05 32.79
CA LEU A 266 13.18 -0.23 32.07
C LEU A 266 13.96 -1.32 32.80
N THR A 267 14.43 -1.04 34.02
CA THR A 267 15.09 -2.06 34.83
C THR A 267 14.06 -2.90 35.62
N LYS A 268 12.82 -2.44 35.64
CA LYS A 268 11.72 -3.18 36.24
C LYS A 268 11.15 -4.12 35.18
N LYS A 269 11.13 -5.43 35.48
CA LYS A 269 10.85 -6.45 34.48
C LYS A 269 9.42 -6.42 33.91
N ASP A 270 8.43 -6.19 34.78
CA ASP A 270 7.02 -6.23 34.36
C ASP A 270 6.63 -5.12 33.37
N GLY A 271 7.44 -4.07 33.28
CA GLY A 271 7.22 -3.02 32.30
C GLY A 271 6.06 -2.12 32.67
N PHE A 272 5.37 -1.61 31.65
CA PHE A 272 4.30 -0.64 31.86
C PHE A 272 3.13 -0.85 30.90
N GLN A 273 2.02 -0.18 31.21
CA GLN A 273 0.82 -0.23 30.40
C GLN A 273 -0.07 0.98 30.72
N PHE A 274 -0.45 1.73 29.69
CA PHE A 274 -1.43 2.79 29.84
C PHE A 274 -2.44 2.78 28.69
N ASP A 275 -3.63 3.32 28.95
CA ASP A 275 -4.73 3.30 27.99
C ASP A 275 -5.09 4.69 27.51
N ILE A 276 -5.31 4.84 26.21
CA ILE A 276 -5.81 6.07 25.62
C ILE A 276 -7.20 5.78 25.06
N THR A 277 -8.22 6.43 25.61
CA THR A 277 -9.60 6.12 25.24
C THR A 277 -10.37 7.35 24.75
N TYR A 278 -11.13 7.16 23.67
CA TYR A 278 -11.91 8.20 23.03
C TYR A 278 -13.38 7.78 23.04
N ASN A 279 -14.23 8.58 23.66
CA ASN A 279 -15.66 8.32 23.69
C ASN A 279 -16.45 9.49 23.15
N LYS A 280 -17.23 9.26 22.10
CA LYS A 280 -18.10 10.28 21.55
C LYS A 280 -19.10 10.68 22.62
N LEU A 281 -19.35 11.98 22.78
CA LEU A 281 -20.29 12.45 23.78
C LEU A 281 -21.68 11.91 23.49
N GLY A 282 -22.31 11.32 24.51
CA GLY A 282 -23.67 10.78 24.37
C GLY A 282 -23.73 9.36 23.82
N THR A 283 -22.57 8.72 23.67
CA THR A 283 -22.51 7.37 23.10
C THR A 283 -23.24 6.35 23.98
N THR A 284 -23.87 5.37 23.34
CA THR A 284 -24.54 4.28 24.07
C THR A 284 -23.61 3.07 24.22
N GLN A 285 -22.38 3.17 23.72
CA GLN A 285 -21.41 2.08 23.79
C GLN A 285 -20.07 2.59 24.34
N SER A 286 -20.12 3.36 25.41
CA SER A 286 -18.91 3.95 25.98
C SER A 286 -17.89 2.88 26.39
N ILE A 287 -16.61 3.18 26.15
CA ILE A 287 -15.50 2.34 26.60
C ILE A 287 -15.01 2.93 27.92
N SER A 288 -15.37 2.28 29.03
CA SER A 288 -15.34 2.91 30.35
C SER A 288 -14.29 2.41 31.33
N THR A 289 -13.96 1.12 31.28
CA THR A 289 -13.02 0.55 32.25
C THR A 289 -11.85 -0.18 31.59
N ARG A 290 -10.79 -0.37 32.39
CA ARG A 290 -9.63 -1.16 32.00
C ARG A 290 -10.03 -2.59 31.66
N GLU A 291 -10.95 -3.14 32.44
CA GLU A 291 -11.41 -4.52 32.25
C GLU A 291 -12.16 -4.63 30.93
N GLN A 292 -12.91 -3.59 30.59
CA GLN A 292 -13.65 -3.55 29.33
C GLN A 292 -12.71 -3.51 28.12
N VAL A 293 -11.61 -2.78 28.24
CA VAL A 293 -10.60 -2.72 27.17
C VAL A 293 -9.95 -4.10 26.98
N THR A 294 -9.64 -4.76 28.09
CA THR A 294 -8.99 -6.07 28.06
C THR A 294 -9.85 -7.12 27.35
N GLU A 295 -11.15 -7.11 27.62
CA GLU A 295 -12.07 -8.04 26.95
C GLU A 295 -12.35 -7.64 25.50
N LEU A 296 -12.31 -6.34 25.20
CA LEU A 296 -12.41 -5.87 23.81
C LEU A 296 -11.22 -6.34 22.98
N ILE A 297 -10.02 -6.27 23.56
CA ILE A 297 -8.81 -6.72 22.90
C ILE A 297 -8.87 -8.22 22.60
N THR A 298 -9.24 -9.00 23.61
CA THR A 298 -9.41 -10.44 23.45
C THR A 298 -10.47 -10.76 22.39
N TRP A 299 -11.60 -10.08 22.44
CA TRP A 299 -12.67 -10.27 21.45
C TRP A 299 -12.23 -9.88 20.07
N SER A 300 -11.55 -8.74 19.95
CA SER A 300 -11.16 -8.21 18.64
C SER A 300 -10.17 -9.11 17.92
N LEU A 301 -9.13 -9.55 18.62
CA LEU A 301 -8.13 -10.45 18.05
C LEU A 301 -8.76 -11.76 17.60
N ASN A 302 -9.71 -12.28 18.38
CA ASN A 302 -10.45 -13.48 18.00
C ASN A 302 -11.30 -13.26 16.76
N GLU A 303 -12.00 -12.13 16.69
CA GLU A 303 -12.86 -11.82 15.54
C GLU A 303 -12.05 -11.71 14.24
N ILE A 304 -10.85 -11.14 14.32
CA ILE A 304 -10.01 -11.00 13.12
C ILE A 304 -9.49 -12.38 12.68
N ASN A 305 -9.08 -13.19 13.65
CA ASN A 305 -8.70 -14.58 13.36
C ASN A 305 -9.83 -15.38 12.74
N ALA A 306 -11.06 -15.11 13.18
CA ALA A 306 -12.25 -15.75 12.62
C ALA A 306 -12.53 -15.30 11.19
N ARG A 307 -12.40 -14.00 10.94
CA ARG A 307 -12.58 -13.46 9.58
C ARG A 307 -11.54 -14.04 8.64
N PHE A 308 -10.30 -14.10 9.10
CA PHE A 308 -9.20 -14.63 8.31
C PHE A 308 -9.43 -16.09 7.93
N ASP A 309 -9.88 -16.89 8.91
CA ASP A 309 -10.13 -18.31 8.69
C ASP A 309 -11.33 -18.57 7.77
N LYS A 310 -12.28 -17.65 7.75
CA LYS A 310 -13.40 -17.74 6.81
C LYS A 310 -12.98 -17.50 5.36
N GLN A 311 -11.95 -16.66 5.17
CA GLN A 311 -11.54 -16.24 3.82
C GLN A 311 -10.41 -17.06 3.21
N PHE A 312 -9.54 -17.60 4.05
CA PHE A 312 -8.37 -18.34 3.59
C PHE A 312 -8.33 -19.73 4.23
N SER A 313 -7.64 -20.66 3.57
CA SER A 313 -7.44 -22.00 4.14
C SER A 313 -6.08 -22.56 3.74
N PHE A 314 -5.45 -23.26 4.69
CA PHE A 314 -4.07 -23.69 4.56
C PHE A 314 -3.94 -25.18 4.82
N GLY A 315 -3.17 -25.86 3.97
CA GLY A 315 -2.91 -27.29 4.13
C GLY A 315 -1.43 -27.53 4.37
N GLU A 316 -1.07 -28.80 4.53
CA GLU A 316 0.33 -29.19 4.64
C GLU A 316 0.92 -29.32 3.24
N GLY A 317 2.01 -28.60 2.98
CA GLY A 317 2.64 -28.59 1.67
C GLY A 317 1.93 -27.69 0.68
N PRO A 318 2.42 -27.60 -0.56
CA PRO A 318 3.61 -28.29 -1.07
C PRO A 318 4.91 -27.57 -0.71
N ASP A 319 4.81 -26.43 -0.04
CA ASP A 319 5.97 -25.71 0.48
C ASP A 319 6.60 -26.47 1.66
N SER A 320 7.77 -26.01 2.10
CA SER A 320 8.51 -26.67 3.19
C SER A 320 8.44 -25.90 4.52
N ILE A 321 7.48 -24.99 4.65
CA ILE A 321 7.25 -24.29 5.91
C ILE A 321 6.91 -25.34 6.97
N GLU A 322 7.57 -25.24 8.13
CA GLU A 322 7.61 -26.34 9.11
C GLU A 322 6.25 -26.88 9.53
N SER A 323 5.28 -26.00 9.72
CA SER A 323 3.95 -26.39 10.16
C SER A 323 2.85 -25.53 9.54
N VAL A 324 1.63 -26.06 9.52
CA VAL A 324 0.49 -25.33 8.98
C VAL A 324 0.17 -24.13 9.88
N GLU A 325 0.32 -24.31 11.18
CA GLU A 325 0.13 -23.22 12.15
C GLU A 325 1.07 -22.05 11.88
N VAL A 326 2.33 -22.35 11.58
CA VAL A 326 3.34 -21.33 11.29
C VAL A 326 3.07 -20.64 9.94
N LYS A 327 2.71 -21.44 8.93
CA LYS A 327 2.37 -20.88 7.62
C LYS A 327 1.17 -19.92 7.71
N ARG A 328 0.14 -20.33 8.43
CA ARG A 328 -1.06 -19.51 8.62
C ARG A 328 -0.72 -18.20 9.34
N ARG A 329 0.06 -18.31 10.41
CA ARG A 329 0.47 -17.14 11.19
C ARG A 329 1.27 -16.18 10.33
N PHE A 330 2.16 -16.72 9.50
CA PHE A 330 2.93 -15.92 8.55
C PHE A 330 2.01 -15.19 7.57
N ALA A 331 1.03 -15.90 7.03
CA ALA A 331 0.06 -15.32 6.10
C ALA A 331 -0.77 -14.22 6.76
N LEU A 332 -1.22 -14.46 7.99
CA LEU A 332 -2.01 -13.49 8.75
C LEU A 332 -1.24 -12.21 9.02
N GLU A 333 0.01 -12.35 9.46
CA GLU A 333 0.87 -11.19 9.72
C GLU A 333 1.14 -10.39 8.44
N THR A 334 1.36 -11.09 7.33
CA THR A 334 1.61 -10.45 6.05
C THR A 334 0.39 -9.67 5.56
N LEU A 335 -0.78 -10.29 5.60
CA LEU A 335 -2.02 -9.61 5.27
C LEU A 335 -2.28 -8.43 6.21
N SER A 336 -2.02 -8.64 7.50
CA SER A 336 -2.21 -7.60 8.50
C SER A 336 -1.34 -6.37 8.24
N ASN A 337 -0.11 -6.60 7.75
CA ASN A 337 0.78 -5.49 7.40
C ASN A 337 0.35 -4.76 6.13
N LEU A 338 -0.20 -5.49 5.16
CA LEU A 338 -0.77 -4.86 3.97
C LEU A 338 -1.92 -3.94 4.37
N LEU A 339 -2.85 -4.48 5.15
CA LEU A 339 -3.98 -3.70 5.66
C LEU A 339 -3.51 -2.55 6.55
N GLY A 340 -2.44 -2.80 7.32
CA GLY A 340 -1.87 -1.79 8.22
C GLY A 340 -1.19 -0.63 7.53
N GLY A 341 -0.87 -0.80 6.24
CA GLY A 341 -0.33 0.29 5.43
C GLY A 341 -1.40 1.21 4.87
N ILE A 342 -2.66 0.78 4.95
CA ILE A 342 -3.77 1.60 4.46
C ILE A 342 -3.80 2.91 5.23
N GLY A 343 -3.88 4.01 4.50
CA GLY A 343 -3.86 5.32 5.10
C GLY A 343 -4.86 6.26 4.48
N TYR A 344 -5.12 7.36 5.18
CA TYR A 344 -5.92 8.43 4.64
C TYR A 344 -5.02 9.64 4.48
N PHE A 345 -5.06 10.23 3.28
CA PHE A 345 -4.17 11.32 2.93
C PHE A 345 -4.97 12.50 2.37
N TYR A 346 -4.55 13.71 2.73
CA TYR A 346 -5.22 14.92 2.27
C TYR A 346 -4.22 16.06 2.08
N GLY A 347 -4.31 16.75 0.96
CA GLY A 347 -3.42 17.87 0.66
C GLY A 347 -3.20 18.11 -0.82
N ASN A 348 -2.23 18.96 -1.13
CA ASN A 348 -1.94 19.34 -2.52
C ASN A 348 -0.85 18.48 -3.16
N GLN A 349 -0.97 18.29 -4.47
CA GLN A 349 0.10 17.75 -5.29
C GLN A 349 0.86 18.88 -5.95
N LEU A 350 2.05 18.58 -6.44
CA LEU A 350 2.81 19.50 -7.29
C LEU A 350 2.76 18.96 -8.71
N ILE A 351 2.13 19.73 -9.60
CA ILE A 351 1.86 19.29 -10.96
C ILE A 351 2.28 20.37 -11.95
N ASP A 352 2.93 19.97 -13.04
CA ASP A 352 3.35 20.91 -14.08
C ASP A 352 2.54 20.67 -15.36
N ARG A 353 1.51 21.48 -15.57
CA ARG A 353 0.65 21.37 -16.74
C ARG A 353 1.04 22.30 -17.90
N GLU A 354 1.87 23.31 -17.61
CA GLU A 354 2.17 24.38 -18.58
C GLU A 354 3.33 24.02 -19.51
N THR A 355 4.42 23.50 -18.94
CA THR A 355 5.58 23.09 -19.72
C THR A 355 5.14 22.20 -20.88
N GLU A 356 5.55 22.55 -22.09
CA GLU A 356 5.08 21.87 -23.30
C GLU A 356 5.64 20.44 -23.38
N PHE A 357 4.78 19.51 -23.82
CA PHE A 357 5.15 18.11 -23.95
C PHE A 357 5.28 17.74 -25.43
N ASP A 358 6.45 17.21 -25.79
CA ASP A 358 6.75 16.81 -27.17
C ASP A 358 6.94 15.30 -27.22
N GLU A 359 5.98 14.61 -27.82
CA GLU A 359 5.94 13.15 -27.86
C GLU A 359 7.07 12.52 -28.69
N SER A 360 7.67 13.32 -29.59
CA SER A 360 8.69 12.80 -30.50
C SER A 360 10.12 13.04 -30.03
N GLN A 361 10.29 13.60 -28.84
CA GLN A 361 11.62 13.82 -28.27
C GLN A 361 11.82 12.89 -27.07
N PHE A 362 13.06 12.51 -26.80
CA PHE A 362 13.35 11.47 -25.81
C PHE A 362 14.35 11.86 -24.73
N THR A 363 14.60 13.16 -24.58
CA THR A 363 15.42 13.64 -23.47
C THR A 363 14.55 13.71 -22.22
N GLU A 364 15.19 13.65 -21.05
CA GLU A 364 14.48 13.83 -19.79
C GLU A 364 13.91 15.26 -19.75
N ILE A 365 12.76 15.43 -19.13
CA ILE A 365 12.05 16.71 -19.16
C ILE A 365 12.27 17.51 -17.88
N LYS A 366 12.56 18.81 -18.04
CA LYS A 366 12.64 19.74 -16.92
C LYS A 366 11.27 20.37 -16.69
N LEU A 367 10.63 20.05 -15.57
CA LEU A 367 9.32 20.61 -15.24
C LEU A 367 9.48 21.93 -14.48
N LEU A 368 9.60 23.02 -15.23
CA LEU A 368 9.92 24.33 -14.66
C LEU A 368 8.69 25.18 -14.32
N ASN A 369 7.50 24.71 -14.67
CA ASN A 369 6.24 25.42 -14.37
C ASN A 369 5.38 24.67 -13.36
N ALA A 370 6.02 24.12 -12.33
CA ALA A 370 5.32 23.36 -11.29
C ALA A 370 4.42 24.26 -10.44
N LYS A 371 3.28 23.73 -10.04
CA LYS A 371 2.31 24.48 -9.23
C LYS A 371 1.62 23.60 -8.18
N GLU A 372 1.24 24.23 -7.07
CA GLU A 372 0.38 23.62 -6.07
C GLU A 372 -1.00 23.40 -6.67
N GLU A 373 -1.52 22.19 -6.58
CA GLU A 373 -2.84 21.86 -7.07
C GLU A 373 -3.57 20.96 -6.09
N GLY A 374 -4.85 21.20 -5.90
CA GLY A 374 -5.65 20.45 -4.94
C GLY A 374 -6.64 21.35 -4.20
N PRO A 375 -7.08 20.93 -3.00
CA PRO A 375 -6.69 19.70 -2.30
C PRO A 375 -7.14 18.41 -3.00
N PHE A 376 -6.35 17.36 -2.83
CA PHE A 376 -6.77 16.02 -3.17
C PHE A 376 -6.92 15.25 -1.87
N GLU A 377 -7.65 14.14 -1.92
CA GLU A 377 -7.70 13.22 -0.79
C GLU A 377 -7.67 11.81 -1.31
N LEU A 378 -7.15 10.89 -0.51
CA LEU A 378 -7.01 9.52 -0.97
C LEU A 378 -6.96 8.54 0.20
N PHE A 379 -7.73 7.47 0.06
CA PHE A 379 -7.78 6.36 0.99
C PHE A 379 -7.22 5.18 0.22
N THR A 380 -6.03 4.71 0.60
CA THR A 380 -5.32 3.74 -0.21
C THR A 380 -4.30 2.97 0.61
N SER A 381 -3.97 1.77 0.14
CA SER A 381 -2.86 1.03 0.71
C SER A 381 -1.56 1.61 0.11
N VAL A 382 -0.43 1.24 0.70
CA VAL A 382 0.87 1.77 0.29
C VAL A 382 1.84 0.62 0.04
N PRO A 383 2.86 0.85 -0.82
CA PRO A 383 3.82 -0.22 -1.07
C PRO A 383 4.71 -0.54 0.14
N SER A 384 5.04 0.49 0.92
CA SER A 384 5.90 0.32 2.09
C SER A 384 5.74 1.51 3.02
N ARG A 385 5.44 1.26 4.29
CA ARG A 385 5.26 2.33 5.28
C ARG A 385 6.56 3.09 5.55
N GLY A 386 7.70 2.44 5.32
CA GLY A 386 9.01 3.04 5.57
C GLY A 386 9.53 3.86 4.42
N PHE A 387 9.56 3.24 3.22
CA PHE A 387 10.11 3.87 2.02
C PHE A 387 9.05 4.67 1.27
N PHE A 388 7.88 4.07 1.07
CA PHE A 388 6.87 4.58 0.15
C PHE A 388 5.48 4.70 0.79
N PRO A 389 5.34 5.53 1.84
CA PRO A 389 4.04 5.59 2.53
C PRO A 389 3.03 6.50 1.82
N ARG A 390 2.69 6.15 0.59
CA ARG A 390 1.75 6.93 -0.21
C ARG A 390 1.20 6.09 -1.35
N GLY A 391 0.15 6.59 -2.01
CA GLY A 391 -0.48 5.89 -3.12
C GLY A 391 0.38 5.84 -4.37
N PHE A 392 0.61 4.64 -4.88
CA PHE A 392 1.23 4.45 -6.19
C PHE A 392 0.22 3.76 -7.09
N TYR A 393 -0.07 4.39 -8.23
CA TYR A 393 -1.14 3.96 -9.14
C TYR A 393 -0.97 2.51 -9.57
N TRP A 394 0.21 2.17 -10.07
CA TRP A 394 0.46 0.85 -10.63
C TRP A 394 0.61 -0.23 -9.58
N ASP A 395 1.07 0.12 -8.37
CA ASP A 395 1.12 -0.82 -7.25
C ASP A 395 -0.25 -1.20 -6.71
N GLU A 396 -1.20 -0.25 -6.77
CA GLU A 396 -2.47 -0.44 -6.05
C GLU A 396 -3.34 -1.55 -6.62
N GLY A 397 -3.30 -1.74 -7.94
CA GLY A 397 -4.00 -2.86 -8.56
C GLY A 397 -3.63 -4.19 -7.92
N PHE A 398 -2.33 -4.37 -7.66
CA PHE A 398 -1.84 -5.61 -7.05
C PHE A 398 -2.23 -5.73 -5.58
N HIS A 399 -2.21 -4.61 -4.86
CA HIS A 399 -2.66 -4.60 -3.46
C HIS A 399 -4.10 -5.05 -3.37
N LEU A 400 -4.94 -4.55 -4.28
CA LEU A 400 -6.36 -4.86 -4.28
C LEU A 400 -6.65 -6.31 -4.61
N LEU A 401 -5.85 -6.93 -5.48
CA LEU A 401 -5.98 -8.36 -5.77
C LEU A 401 -5.82 -9.20 -4.50
N GLN A 402 -5.06 -8.70 -3.53
CA GLN A 402 -4.91 -9.41 -2.25
C GLN A 402 -5.99 -9.00 -1.26
N ILE A 403 -6.22 -7.70 -1.14
CA ILE A 403 -7.22 -7.16 -0.20
C ILE A 403 -8.62 -7.70 -0.51
N MET A 404 -8.98 -7.77 -1.80
CA MET A 404 -10.30 -8.23 -2.22
C MET A 404 -10.63 -9.65 -1.75
N GLU A 405 -9.61 -10.49 -1.62
CA GLU A 405 -9.81 -11.86 -1.16
C GLU A 405 -10.18 -11.91 0.33
N TYR A 406 -9.76 -10.90 1.09
CA TYR A 406 -10.09 -10.82 2.51
C TYR A 406 -11.32 -9.98 2.77
N ASP A 407 -11.32 -8.76 2.22
CA ASP A 407 -12.40 -7.81 2.42
C ASP A 407 -12.79 -7.20 1.09
N PHE A 408 -13.77 -7.83 0.44
CA PHE A 408 -14.26 -7.43 -0.87
C PHE A 408 -14.69 -5.97 -0.88
N ASP A 409 -15.53 -5.60 0.08
CA ASP A 409 -16.10 -4.25 0.14
C ASP A 409 -15.04 -3.16 0.39
N LEU A 410 -14.03 -3.49 1.19
CA LEU A 410 -12.90 -2.56 1.42
C LEU A 410 -12.17 -2.24 0.11
N ALA A 411 -11.96 -3.26 -0.70
CA ALA A 411 -11.32 -3.10 -2.01
C ALA A 411 -12.10 -2.12 -2.89
N PHE A 412 -13.43 -2.19 -2.82
CA PHE A 412 -14.29 -1.26 -3.56
C PHE A 412 -14.16 0.17 -3.03
N GLU A 413 -13.95 0.32 -1.71
CA GLU A 413 -13.75 1.64 -1.11
C GLU A 413 -12.48 2.29 -1.65
N ILE A 414 -11.40 1.54 -1.67
CA ILE A 414 -10.11 2.04 -2.15
C ILE A 414 -10.19 2.38 -3.64
N LEU A 415 -10.74 1.47 -4.44
N LEU A 415 -10.75 1.48 -4.44
CA LEU A 415 -10.95 1.69 -5.88
CA LEU A 415 -10.92 1.71 -5.88
C LEU A 415 -11.68 3.00 -6.15
C LEU A 415 -11.69 2.99 -6.17
N ALA A 416 -12.79 3.20 -5.43
CA ALA A 416 -13.59 4.42 -5.58
C ALA A 416 -12.80 5.67 -5.24
N SER A 417 -11.99 5.59 -4.19
CA SER A 417 -11.18 6.74 -3.76
C SER A 417 -10.24 7.18 -4.88
N TRP A 418 -9.55 6.23 -5.49
CA TRP A 418 -8.65 6.51 -6.60
C TRP A 418 -9.34 7.22 -7.73
N PHE A 419 -10.51 6.73 -8.14
CA PHE A 419 -11.18 7.31 -9.29
C PHE A 419 -11.91 8.62 -9.00
N GLU A 420 -12.05 8.95 -7.71
CA GLU A 420 -12.45 10.30 -7.31
C GLU A 420 -11.41 11.37 -7.67
N MET A 421 -10.17 10.95 -7.89
CA MET A 421 -9.10 11.89 -8.25
C MET A 421 -9.18 12.40 -9.69
N ILE A 422 -9.89 11.67 -10.56
CA ILE A 422 -10.12 12.12 -11.93
C ILE A 422 -10.90 13.44 -11.93
N GLU A 423 -10.32 14.46 -12.56
CA GLU A 423 -10.95 15.78 -12.63
C GLU A 423 -11.69 15.92 -13.96
N ASP A 424 -12.43 17.01 -14.14
CA ASP A 424 -13.38 17.13 -15.24
C ASP A 424 -12.74 17.26 -16.63
N ASP A 425 -11.65 18.02 -16.73
CA ASP A 425 -11.02 18.28 -18.03
C ASP A 425 -10.08 17.16 -18.49
N SER A 426 -9.88 16.15 -17.65
CA SER A 426 -8.85 15.13 -17.93
C SER A 426 -9.16 13.79 -17.27
N GLY A 427 -8.72 12.71 -17.92
CA GLY A 427 -8.80 11.37 -17.35
C GLY A 427 -7.50 10.92 -16.68
N TRP A 428 -6.53 11.82 -16.62
CA TRP A 428 -5.21 11.51 -16.07
C TRP A 428 -5.25 11.32 -14.58
N ILE A 429 -4.53 10.32 -14.10
CA ILE A 429 -4.30 10.13 -12.67
C ILE A 429 -2.80 10.02 -12.46
N ALA A 430 -2.27 10.80 -11.53
CA ALA A 430 -0.84 10.79 -11.26
C ALA A 430 -0.37 9.40 -10.83
N ARG A 431 0.83 9.04 -11.26
CA ARG A 431 1.41 7.73 -10.98
C ARG A 431 1.78 7.54 -9.51
N GLU A 432 2.09 8.65 -8.86
CA GLU A 432 2.53 8.65 -7.47
C GLU A 432 1.83 9.83 -6.79
N ILE A 433 1.11 9.55 -5.71
CA ILE A 433 0.26 10.56 -5.07
C ILE A 433 0.89 11.06 -3.77
N ILE A 434 1.40 12.30 -3.83
CA ILE A 434 2.14 12.90 -2.73
C ILE A 434 1.34 14.12 -2.24
N LEU A 435 0.66 13.98 -1.11
CA LEU A 435 -0.23 15.04 -0.65
C LEU A 435 0.33 15.81 0.55
N GLY A 436 0.67 17.08 0.32
CA GLY A 436 1.09 17.98 1.39
C GLY A 436 2.54 17.83 1.84
N ASN A 437 2.97 18.76 2.67
CA ASN A 437 4.35 18.79 3.19
C ASN A 437 4.73 17.51 3.95
N GLU A 438 3.79 16.93 4.69
CA GLU A 438 4.05 15.69 5.41
C GLU A 438 4.47 14.57 4.46
N ALA A 439 3.76 14.42 3.34
CA ALA A 439 4.10 13.42 2.33
C ALA A 439 5.38 13.78 1.57
N ARG A 440 5.54 15.05 1.24
CA ARG A 440 6.72 15.52 0.50
C ARG A 440 8.03 15.30 1.25
N SER A 441 7.96 15.27 2.58
CA SER A 441 9.15 15.10 3.43
C SER A 441 9.87 13.77 3.20
N LYS A 442 9.17 12.80 2.60
CA LYS A 442 9.73 11.48 2.33
C LYS A 442 10.25 11.35 0.90
N VAL A 443 10.07 12.40 0.10
CA VAL A 443 10.34 12.32 -1.34
C VAL A 443 11.40 13.34 -1.76
N PRO A 444 12.51 12.86 -2.39
CA PRO A 444 13.49 13.78 -2.92
C PRO A 444 12.83 14.81 -3.82
N GLN A 445 13.24 16.07 -3.73
CA GLN A 445 12.59 17.16 -4.47
C GLN A 445 12.49 16.91 -5.98
N GLU A 446 13.46 16.16 -6.50
N GLU A 446 13.46 16.17 -6.54
CA GLU A 446 13.56 15.83 -7.92
CA GLU A 446 13.46 15.92 -7.98
C GLU A 446 12.46 14.89 -8.43
C GLU A 446 12.39 14.94 -8.44
N PHE A 447 11.73 14.26 -7.51
CA PHE A 447 10.63 13.34 -7.86
C PHE A 447 9.25 13.84 -7.47
N GLN A 448 9.16 15.00 -6.84
CA GLN A 448 7.89 15.48 -6.30
C GLN A 448 6.91 15.96 -7.39
N VAL A 449 7.42 16.63 -8.41
CA VAL A 449 6.56 17.24 -9.43
C VAL A 449 6.03 16.18 -10.41
N GLN A 450 4.71 16.10 -10.52
CA GLN A 450 4.07 15.12 -11.40
C GLN A 450 3.86 15.69 -12.80
N ASN A 451 3.82 14.78 -13.79
CA ASN A 451 3.66 15.14 -15.19
C ASN A 451 2.34 14.57 -15.75
N PRO A 452 1.38 15.44 -16.09
CA PRO A 452 0.08 15.00 -16.60
C PRO A 452 0.10 14.31 -17.98
N ASN A 453 1.22 14.35 -18.68
CA ASN A 453 1.36 13.69 -19.98
C ASN A 453 1.87 12.25 -19.86
N ILE A 454 2.14 11.81 -18.63
CA ILE A 454 2.72 10.49 -18.37
C ILE A 454 1.68 9.55 -17.81
N ALA A 455 1.51 8.40 -18.46
CA ALA A 455 0.59 7.37 -18.03
C ALA A 455 1.31 6.26 -17.29
N ASN A 456 0.55 5.32 -16.74
CA ASN A 456 1.09 4.13 -16.12
C ASN A 456 0.16 2.94 -16.36
N PRO A 457 0.66 1.71 -16.13
CA PRO A 457 -0.22 0.58 -16.38
C PRO A 457 -1.47 0.62 -15.49
N PRO A 458 -2.66 0.45 -16.08
CA PRO A 458 -3.92 0.53 -15.36
C PRO A 458 -4.23 -0.74 -14.58
N THR A 459 -3.41 -1.05 -13.59
CA THR A 459 -3.58 -2.26 -12.80
C THR A 459 -4.85 -2.23 -11.94
N LEU A 460 -5.30 -1.03 -11.59
CA LEU A 460 -6.57 -0.86 -10.86
C LEU A 460 -7.74 -1.49 -11.62
N LEU A 461 -7.71 -1.38 -12.95
CA LEU A 461 -8.76 -1.96 -13.79
C LEU A 461 -8.60 -3.45 -14.00
N LEU A 462 -7.37 -3.95 -13.83
CA LEU A 462 -7.15 -5.39 -13.77
C LEU A 462 -7.77 -5.95 -12.49
N ALA A 463 -7.60 -5.21 -11.39
CA ALA A 463 -8.20 -5.59 -10.12
C ALA A 463 -9.73 -5.49 -10.20
N PHE A 464 -10.20 -4.44 -10.86
CA PHE A 464 -11.64 -4.23 -11.00
C PHE A 464 -12.28 -5.30 -11.88
N SER A 465 -11.54 -5.73 -12.91
CA SER A 465 -11.97 -6.83 -13.77
C SER A 465 -12.15 -8.12 -12.99
N GLU A 466 -11.21 -8.40 -12.08
CA GLU A 466 -11.24 -9.62 -11.28
C GLU A 466 -12.37 -9.59 -10.24
N MET A 467 -12.66 -8.40 -9.71
CA MET A 467 -13.74 -8.23 -8.74
C MET A 467 -15.11 -8.36 -9.41
N LEU A 468 -15.29 -7.69 -10.55
CA LEU A 468 -16.52 -7.80 -11.33
C LEU A 468 -16.78 -9.22 -11.82
N SER A 469 -15.71 -9.94 -12.16
N SER A 469 -15.70 -9.93 -12.16
CA SER A 469 -15.81 -11.34 -12.57
CA SER A 469 -15.80 -11.33 -12.56
C SER A 469 -16.46 -12.17 -11.47
C SER A 469 -16.46 -12.17 -11.47
N ARG A 470 -16.02 -11.97 -10.22
CA ARG A 470 -16.57 -12.68 -9.08
C ARG A 470 -18.01 -12.27 -8.78
N ALA A 471 -18.28 -10.97 -8.80
CA ALA A 471 -19.64 -10.46 -8.56
C ALA A 471 -20.62 -10.96 -9.61
N ILE A 472 -20.23 -10.88 -10.88
CA ILE A 472 -21.06 -11.35 -11.99
C ILE A 472 -21.30 -12.86 -11.92
N GLU A 473 -20.24 -13.63 -11.65
CA GLU A 473 -20.37 -15.08 -11.42
C GLU A 473 -21.38 -15.41 -10.32
N ASN A 474 -21.26 -14.68 -9.20
CA ASN A 474 -22.06 -14.95 -8.01
C ASN A 474 -23.52 -14.51 -8.13
N ILE A 475 -23.74 -13.34 -8.71
CA ILE A 475 -25.08 -12.75 -8.81
C ILE A 475 -25.97 -13.46 -9.84
N GLY A 476 -25.40 -13.84 -10.97
CA GLY A 476 -26.14 -14.46 -12.05
C GLY A 476 -26.73 -13.43 -13.00
N ASP A 477 -28.03 -13.18 -12.88
CA ASP A 477 -28.73 -12.26 -13.79
C ASP A 477 -28.87 -10.87 -13.17
N PHE A 478 -28.96 -9.86 -14.04
CA PHE A 478 -29.15 -8.47 -13.61
C PHE A 478 -30.49 -7.93 -14.10
N MET A 496 -21.39 -9.42 6.74
CA MET A 496 -20.74 -9.67 5.46
C MET A 496 -19.84 -8.51 5.06
N THR A 497 -18.64 -8.83 4.59
CA THR A 497 -17.74 -7.84 3.99
C THR A 497 -17.72 -7.99 2.46
N ASN A 498 -18.75 -8.63 1.91
CA ASN A 498 -18.86 -8.82 0.46
C ASN A 498 -20.26 -8.52 -0.08
N ASN A 499 -20.94 -7.54 0.53
CA ASN A 499 -22.28 -7.14 0.08
C ASN A 499 -22.32 -6.77 -1.39
N LEU A 500 -21.26 -6.11 -1.88
CA LEU A 500 -21.17 -5.73 -3.29
C LEU A 500 -20.94 -6.91 -4.23
N GLU A 501 -20.50 -8.04 -3.69
CA GLU A 501 -20.34 -9.28 -4.47
C GLU A 501 -21.67 -10.01 -4.66
N ALA A 502 -22.54 -9.92 -3.65
CA ALA A 502 -23.77 -10.71 -3.62
C ALA A 502 -25.03 -9.93 -3.99
N ASN A 503 -24.98 -8.61 -3.83
CA ASN A 503 -26.16 -7.76 -3.95
C ASN A 503 -26.15 -6.95 -5.26
N PRO A 504 -26.89 -7.42 -6.29
CA PRO A 504 -26.92 -6.72 -7.59
C PRO A 504 -27.38 -5.27 -7.50
N GLY A 505 -28.30 -4.99 -6.58
CA GLY A 505 -28.78 -3.63 -6.36
C GLY A 505 -27.66 -2.70 -5.92
N LEU A 506 -26.89 -3.14 -4.92
CA LEU A 506 -25.75 -2.36 -4.45
C LEU A 506 -24.67 -2.22 -5.52
N LEU A 507 -24.36 -3.31 -6.21
CA LEU A 507 -23.33 -3.30 -7.25
C LEU A 507 -23.69 -2.35 -8.39
N THR A 508 -24.95 -2.36 -8.80
CA THR A 508 -25.43 -1.49 -9.87
C THR A 508 -25.28 -0.01 -9.54
N GLU A 509 -25.56 0.38 -8.29
CA GLU A 509 -25.41 1.78 -7.88
C GLU A 509 -23.94 2.20 -7.83
N TYR A 510 -23.08 1.32 -7.31
CA TYR A 510 -21.64 1.55 -7.32
C TYR A 510 -21.14 1.75 -8.77
N ALA A 511 -21.60 0.87 -9.67
CA ALA A 511 -21.18 0.89 -11.07
C ALA A 511 -21.62 2.14 -11.82
N LYS A 512 -22.85 2.59 -11.56
CA LYS A 512 -23.39 3.79 -12.21
C LYS A 512 -22.60 5.04 -11.80
N LYS A 513 -22.20 5.09 -10.53
CA LYS A 513 -21.41 6.20 -10.02
C LYS A 513 -20.02 6.24 -10.64
N ILE A 514 -19.36 5.08 -10.71
CA ILE A 514 -17.96 5.01 -11.14
C ILE A 514 -17.78 4.99 -12.66
N TYR A 515 -18.81 4.55 -13.39
CA TYR A 515 -18.71 4.35 -14.85
C TYR A 515 -18.17 5.57 -15.64
N PRO A 516 -18.71 6.77 -15.38
CA PRO A 516 -18.24 7.95 -16.10
C PRO A 516 -16.76 8.25 -15.85
N LYS A 517 -16.27 7.88 -14.67
CA LYS A 517 -14.88 8.11 -14.30
C LYS A 517 -13.96 7.12 -14.99
N LEU A 518 -14.33 5.83 -14.99
CA LEU A 518 -13.56 4.81 -15.71
C LEU A 518 -13.52 5.11 -17.20
N LEU A 519 -14.66 5.51 -17.76
CA LEU A 519 -14.77 5.83 -19.18
C LEU A 519 -13.81 6.96 -19.55
N LYS A 520 -13.82 8.01 -18.73
CA LYS A 520 -12.94 9.16 -18.91
C LYS A 520 -11.47 8.72 -18.90
N HIS A 521 -11.14 7.87 -17.93
CA HIS A 521 -9.79 7.33 -17.79
C HIS A 521 -9.43 6.45 -18.96
N TYR A 522 -10.35 5.58 -19.35
CA TYR A 522 -10.19 4.67 -20.49
C TYR A 522 -9.94 5.43 -21.80
N ASN A 523 -10.79 6.41 -22.10
CA ASN A 523 -10.62 7.22 -23.30
C ASN A 523 -9.30 7.98 -23.27
N TRP A 524 -8.93 8.50 -22.11
CA TRP A 524 -7.68 9.25 -21.96
C TRP A 524 -6.48 8.38 -22.20
N PHE A 525 -6.46 7.20 -21.59
CA PHE A 525 -5.33 6.27 -21.75
C PHE A 525 -5.13 5.89 -23.22
N ARG A 526 -6.23 5.53 -23.88
CA ARG A 526 -6.17 5.09 -25.27
C ARG A 526 -5.68 6.17 -26.23
N LYS A 527 -6.19 7.39 -26.07
CA LYS A 527 -5.76 8.49 -26.94
C LYS A 527 -4.28 8.80 -26.73
N SER A 528 -3.90 9.04 -25.48
CA SER A 528 -2.54 9.48 -25.15
C SER A 528 -1.46 8.46 -25.56
N GLN A 529 -1.79 7.17 -25.54
CA GLN A 529 -0.83 6.13 -25.87
C GLN A 529 -1.03 5.54 -27.29
N THR A 530 -1.82 6.21 -28.13
CA THR A 530 -2.06 5.76 -29.50
C THR A 530 -0.75 5.72 -30.30
N GLY A 531 -0.48 4.57 -30.94
CA GLY A 531 0.71 4.41 -31.76
C GLY A 531 0.50 4.86 -33.19
N LEU A 532 1.58 4.89 -33.96
CA LEU A 532 1.55 5.29 -35.36
C LEU A 532 1.56 4.06 -36.28
N ILE A 533 0.39 3.62 -36.70
CA ILE A 533 0.24 2.43 -37.54
C ILE A 533 0.57 2.68 -39.01
N ASP A 534 0.55 3.94 -39.44
CA ASP A 534 0.63 4.28 -40.87
C ASP A 534 2.00 4.00 -41.50
N GLU A 535 3.07 4.12 -40.72
CA GLU A 535 4.33 3.46 -41.07
C GLU A 535 4.02 1.98 -40.96
N TYR A 536 4.91 1.09 -41.40
CA TYR A 536 4.60 -0.35 -41.44
C TYR A 536 3.66 -0.74 -42.59
N GLU A 537 2.81 0.19 -43.04
CA GLU A 537 1.77 -0.13 -44.03
C GLU A 537 2.33 -0.86 -45.24
N GLU A 538 3.34 -0.27 -45.87
CA GLU A 538 4.03 -0.87 -47.02
C GLU A 538 4.56 -2.24 -46.64
N ILE A 539 5.11 -2.34 -45.44
CA ILE A 539 5.68 -3.59 -44.93
C ILE A 539 4.58 -4.62 -44.67
N LEU A 540 3.51 -4.20 -44.02
CA LEU A 540 2.39 -5.09 -43.70
C LEU A 540 1.60 -5.51 -44.94
N GLU A 541 1.55 -4.65 -45.95
CA GLU A 541 0.97 -4.99 -47.24
C GLU A 541 1.78 -6.08 -47.92
N ASP A 542 3.11 -5.98 -47.84
CA ASP A 542 4.02 -6.96 -48.43
C ASP A 542 3.91 -8.31 -47.73
N GLU A 543 3.68 -8.29 -46.41
CA GLU A 543 3.42 -9.51 -45.64
C GLU A 543 2.02 -10.05 -45.92
N GLY A 544 1.13 -9.19 -46.41
CA GLY A 544 -0.23 -9.58 -46.78
C GLY A 544 -1.19 -9.66 -45.61
N ILE A 545 -0.87 -8.93 -44.53
CA ILE A 545 -1.72 -8.90 -43.34
C ILE A 545 -2.24 -7.50 -43.00
N TRP A 546 -1.87 -6.51 -43.81
CA TRP A 546 -2.32 -5.13 -43.60
C TRP A 546 -3.82 -5.02 -43.57
N ASP A 547 -4.50 -5.83 -44.36
CA ASP A 547 -5.97 -5.80 -44.46
C ASP A 547 -6.69 -6.47 -43.28
N LYS A 548 -5.99 -7.29 -42.51
CA LYS A 548 -6.60 -8.08 -41.44
C LYS A 548 -6.15 -7.67 -40.02
N ILE A 549 -5.42 -6.57 -39.93
CA ILE A 549 -5.07 -5.98 -38.62
C ILE A 549 -6.01 -4.81 -38.34
N HIS A 550 -6.15 -4.47 -37.07
CA HIS A 550 -7.04 -3.40 -36.64
C HIS A 550 -6.24 -2.17 -36.33
N LYS A 551 -6.34 -1.18 -37.20
CA LYS A 551 -5.41 -0.04 -37.22
C LYS A 551 -5.58 0.90 -36.02
N ASN A 552 -6.75 0.85 -35.39
CA ASN A 552 -7.04 1.68 -34.22
C ASN A 552 -6.57 1.08 -32.88
N GLU A 553 -6.10 -0.17 -32.90
CA GLU A 553 -5.67 -0.84 -31.67
C GLU A 553 -4.17 -1.15 -31.69
N VAL A 554 -3.37 -0.10 -31.82
CA VAL A 554 -1.92 -0.18 -31.70
C VAL A 554 -1.44 0.92 -30.78
N TYR A 555 -0.50 0.61 -29.90
CA TYR A 555 -0.12 1.51 -28.81
C TYR A 555 1.38 1.58 -28.56
N ARG A 556 1.81 2.74 -28.07
CA ARG A 556 3.20 3.02 -27.73
C ARG A 556 3.24 3.73 -26.38
N TRP A 557 4.23 3.40 -25.56
CA TRP A 557 4.44 4.14 -24.32
C TRP A 557 4.94 5.52 -24.64
N VAL A 558 4.13 6.52 -24.34
CA VAL A 558 4.47 7.91 -24.63
C VAL A 558 5.20 8.53 -23.44
N GLY A 559 6.37 9.09 -23.71
CA GLY A 559 7.18 9.71 -22.67
C GLY A 559 8.33 8.86 -22.18
N ARG A 560 8.74 7.88 -22.98
CA ARG A 560 9.95 7.11 -22.68
C ARG A 560 11.16 8.00 -22.97
N THR A 561 12.30 7.65 -22.40
CA THR A 561 13.53 8.37 -22.67
C THR A 561 14.53 7.38 -23.29
N PHE A 562 15.78 7.82 -23.46
CA PHE A 562 16.82 6.98 -24.04
C PHE A 562 17.08 5.73 -23.20
N THR A 563 17.20 5.90 -21.88
CA THR A 563 17.58 4.81 -20.99
C THR A 563 16.45 4.28 -20.11
N HIS A 564 15.28 4.89 -20.17
CA HIS A 564 14.16 4.49 -19.31
C HIS A 564 12.82 4.58 -19.98
N CYS A 565 11.87 3.79 -19.49
CA CYS A 565 10.48 3.84 -19.93
C CYS A 565 9.57 3.77 -18.71
N LEU A 566 9.42 4.91 -18.04
CA LEU A 566 8.64 5.00 -16.81
C LEU A 566 7.16 4.66 -16.96
N PRO A 567 6.54 5.07 -18.09
CA PRO A 567 5.11 4.77 -18.28
C PRO A 567 4.72 3.30 -18.30
N SER A 568 5.68 2.41 -18.61
CA SER A 568 5.41 0.98 -18.63
C SER A 568 5.42 0.35 -17.24
N GLY A 569 5.87 1.11 -16.24
CA GLY A 569 5.96 0.61 -14.87
C GLY A 569 7.22 -0.19 -14.58
N MET A 570 7.92 -0.62 -15.63
CA MET A 570 9.14 -1.40 -15.48
C MET A 570 10.28 -0.61 -16.10
N ASP A 571 10.67 0.43 -15.38
CA ASP A 571 11.48 1.54 -15.90
C ASP A 571 12.66 1.13 -16.80
N ASP A 572 13.51 0.25 -16.31
CA ASP A 572 14.75 -0.09 -17.03
C ASP A 572 14.67 -1.42 -17.78
N TYR A 573 13.47 -1.98 -17.93
CA TYR A 573 13.29 -3.12 -18.80
C TYR A 573 13.75 -2.67 -20.20
N PRO A 574 14.62 -3.46 -20.85
CA PRO A 574 15.18 -3.04 -22.14
C PRO A 574 14.13 -2.80 -23.23
N ARG A 575 14.25 -1.66 -23.91
CA ARG A 575 13.35 -1.27 -25.01
C ARG A 575 14.15 -1.06 -26.29
N ALA A 576 13.45 -0.71 -27.38
CA ALA A 576 14.08 -0.50 -28.68
C ALA A 576 15.13 0.61 -28.65
N GLN A 577 16.26 0.37 -29.31
CA GLN A 577 17.33 1.36 -29.43
C GLN A 577 17.72 1.55 -30.89
N PRO A 578 17.77 2.81 -31.37
CA PRO A 578 17.42 4.02 -30.63
C PRO A 578 15.91 4.18 -30.52
N PRO A 579 15.45 5.03 -29.57
CA PRO A 579 14.02 5.26 -29.46
C PRO A 579 13.45 5.89 -30.74
N ASP A 580 12.19 5.59 -31.04
CA ASP A 580 11.56 6.07 -32.25
C ASP A 580 10.06 6.19 -32.05
N VAL A 581 9.45 7.18 -32.69
CA VAL A 581 8.03 7.43 -32.54
C VAL A 581 7.16 6.39 -33.26
N ALA A 582 7.79 5.51 -34.02
CA ALA A 582 7.11 4.43 -34.71
C ALA A 582 7.07 3.13 -33.91
N GLU A 583 7.72 3.11 -32.75
CA GLU A 583 7.67 1.94 -31.88
C GLU A 583 6.24 1.58 -31.54
N LEU A 584 5.94 0.28 -31.50
CA LEU A 584 4.69 -0.19 -30.93
C LEU A 584 5.04 -1.18 -29.82
N ASN A 585 4.48 -0.96 -28.64
CA ASN A 585 4.82 -1.75 -27.47
C ASN A 585 3.77 -2.81 -27.20
N VAL A 586 4.22 -4.06 -27.08
CA VAL A 586 3.33 -5.19 -26.86
C VAL A 586 2.63 -5.10 -25.50
N ASP A 587 3.34 -4.62 -24.48
CA ASP A 587 2.75 -4.50 -23.14
C ASP A 587 1.72 -3.38 -23.06
N ALA A 588 1.95 -2.27 -23.76
CA ALA A 588 0.95 -1.19 -23.83
C ALA A 588 -0.35 -1.67 -24.47
N LEU A 589 -0.24 -2.47 -25.54
CA LEU A 589 -1.42 -3.07 -26.17
C LEU A 589 -2.12 -4.04 -25.23
N ALA A 590 -1.35 -4.87 -24.53
CA ALA A 590 -1.91 -5.82 -23.57
C ALA A 590 -2.71 -5.12 -22.48
N TRP A 591 -2.17 -4.02 -21.96
CA TRP A 591 -2.86 -3.25 -20.91
C TRP A 591 -4.14 -2.63 -21.40
N VAL A 592 -4.18 -2.20 -22.66
CA VAL A 592 -5.42 -1.71 -23.27
C VAL A 592 -6.44 -2.84 -23.34
N GLY A 593 -5.98 -4.05 -23.64
CA GLY A 593 -6.84 -5.23 -23.61
C GLY A 593 -7.49 -5.42 -22.25
N VAL A 594 -6.69 -5.31 -21.20
CA VAL A 594 -7.18 -5.47 -19.82
C VAL A 594 -8.21 -4.40 -19.46
N MET A 595 -7.91 -3.14 -19.76
CA MET A 595 -8.85 -2.05 -19.52
C MET A 595 -10.16 -2.30 -20.26
N THR A 596 -10.06 -2.73 -21.52
CA THR A 596 -11.23 -2.98 -22.35
C THR A 596 -12.09 -4.06 -21.73
N ARG A 597 -11.47 -5.11 -21.20
CA ARG A 597 -12.18 -6.19 -20.53
C ARG A 597 -12.99 -5.68 -19.34
N SER A 598 -12.43 -4.79 -18.54
CA SER A 598 -13.13 -4.24 -17.37
C SER A 598 -14.33 -3.38 -17.79
N MET A 599 -14.16 -2.61 -18.87
CA MET A 599 -15.26 -1.81 -19.43
C MET A 599 -16.40 -2.71 -19.91
N LYS A 600 -16.05 -3.80 -20.57
CA LYS A 600 -17.04 -4.78 -21.02
C LYS A 600 -17.83 -5.31 -19.83
N GLN A 601 -17.15 -5.59 -18.72
CA GLN A 601 -17.79 -6.17 -17.53
C GLN A 601 -18.69 -5.18 -16.81
N ILE A 602 -18.26 -3.93 -16.66
CA ILE A 602 -19.10 -2.92 -16.03
C ILE A 602 -20.30 -2.59 -16.92
N ALA A 603 -20.11 -2.63 -18.24
CA ALA A 603 -21.22 -2.47 -19.18
C ALA A 603 -22.25 -3.59 -19.03
N HIS A 604 -21.76 -4.81 -18.82
CA HIS A 604 -22.63 -5.96 -18.56
C HIS A 604 -23.45 -5.74 -17.32
N VAL A 605 -22.80 -5.31 -16.24
CA VAL A 605 -23.48 -5.02 -14.97
C VAL A 605 -24.55 -3.95 -15.11
N LEU A 606 -24.31 -2.96 -15.96
CA LEU A 606 -25.24 -1.86 -16.18
C LEU A 606 -26.29 -2.16 -17.27
N LYS A 607 -26.26 -3.38 -17.82
CA LYS A 607 -27.19 -3.80 -18.89
C LYS A 607 -27.02 -2.97 -20.16
N LEU A 608 -25.84 -2.40 -20.37
CA LEU A 608 -25.58 -1.61 -21.57
C LEU A 608 -25.11 -2.53 -22.69
N THR A 609 -26.08 -3.20 -23.31
CA THR A 609 -25.85 -4.24 -24.31
C THR A 609 -24.96 -3.81 -25.47
N GLN A 610 -25.28 -2.68 -26.09
CA GLN A 610 -24.52 -2.19 -27.24
C GLN A 610 -23.10 -1.78 -26.86
N ASP A 611 -22.95 -1.15 -25.68
CA ASP A 611 -21.62 -0.83 -25.17
C ASP A 611 -20.84 -2.10 -24.83
N GLU A 612 -21.49 -3.06 -24.19
CA GLU A 612 -20.84 -4.33 -23.86
C GLU A 612 -20.27 -5.00 -25.12
N GLN A 613 -21.09 -5.08 -26.16
CA GLN A 613 -20.66 -5.74 -27.40
C GLN A 613 -19.55 -4.96 -28.11
N ARG A 614 -19.54 -3.64 -28.00
CA ARG A 614 -18.42 -2.85 -28.55
C ARG A 614 -17.12 -3.21 -27.83
N TYR A 615 -17.15 -3.22 -26.50
CA TYR A 615 -15.94 -3.53 -25.73
C TYR A 615 -15.48 -4.97 -25.95
N ALA A 616 -16.44 -5.89 -26.08
CA ALA A 616 -16.14 -7.29 -26.40
C ALA A 616 -15.39 -7.39 -27.73
N GLN A 617 -15.82 -6.65 -28.74
CA GLN A 617 -15.16 -6.68 -30.04
C GLN A 617 -13.79 -6.01 -29.99
N ILE A 618 -13.67 -4.90 -29.27
CA ILE A 618 -12.40 -4.21 -29.11
C ILE A 618 -11.37 -5.10 -28.41
N GLU A 619 -11.80 -5.78 -27.36
CA GLU A 619 -10.97 -6.76 -26.67
C GLU A 619 -10.47 -7.84 -27.64
N GLN A 620 -11.37 -8.32 -28.50
CA GLN A 620 -11.00 -9.35 -29.48
C GLN A 620 -10.05 -8.79 -30.55
N GLU A 621 -10.21 -7.51 -30.88
CA GLU A 621 -9.29 -6.85 -31.83
C GLU A 621 -7.91 -6.67 -31.22
N VAL A 622 -7.85 -6.37 -29.92
CA VAL A 622 -6.58 -6.35 -29.20
C VAL A 622 -5.93 -7.72 -29.25
N VAL A 623 -6.71 -8.76 -28.97
CA VAL A 623 -6.25 -10.14 -29.01
C VAL A 623 -5.67 -10.50 -30.39
N GLU A 624 -6.36 -10.07 -31.45
CA GLU A 624 -5.92 -10.39 -32.81
C GLU A 624 -4.67 -9.62 -33.24
N ASN A 625 -4.55 -8.36 -32.81
CA ASN A 625 -3.36 -7.56 -33.09
C ASN A 625 -2.11 -8.09 -32.39
N LEU A 626 -2.28 -8.59 -31.17
CA LEU A 626 -1.18 -9.22 -30.43
C LEU A 626 -0.58 -10.40 -31.20
N ASP A 627 -1.45 -11.24 -31.76
CA ASP A 627 -1.01 -12.42 -32.53
C ASP A 627 -0.54 -12.07 -33.94
N LEU A 628 -1.15 -11.07 -34.56
CA LEU A 628 -0.81 -10.69 -35.93
C LEU A 628 0.44 -9.80 -36.01
N LEU A 629 0.55 -8.84 -35.09
CA LEU A 629 1.64 -7.85 -35.14
C LEU A 629 2.82 -8.18 -34.23
N HIS A 630 2.55 -8.56 -32.98
CA HIS A 630 3.60 -8.63 -31.95
C HIS A 630 4.19 -9.99 -31.75
N TRP A 631 3.58 -11.02 -32.33
CA TRP A 631 4.13 -12.37 -32.23
C TRP A 631 5.20 -12.58 -33.27
N SER A 632 6.36 -13.03 -32.83
CA SER A 632 7.49 -13.32 -33.71
C SER A 632 7.65 -14.82 -33.88
N GLU A 633 7.31 -15.33 -35.06
CA GLU A 633 7.45 -16.77 -35.37
C GLU A 633 8.90 -17.25 -35.23
N ASN A 634 9.85 -16.40 -35.62
CA ASN A 634 11.27 -16.73 -35.52
C ASN A 634 11.76 -16.88 -34.07
N ASP A 635 11.31 -15.99 -33.20
CA ASP A 635 11.75 -15.96 -31.80
C ASP A 635 10.80 -16.70 -30.85
N ASN A 636 9.65 -17.15 -31.36
CA ASN A 636 8.62 -17.79 -30.54
C ASN A 636 8.32 -16.97 -29.30
N CYS A 637 7.90 -15.72 -29.52
N CYS A 637 7.93 -15.70 -29.49
CA CYS A 637 7.73 -14.75 -28.44
CA CYS A 637 7.58 -14.84 -28.37
C CYS A 637 6.90 -13.55 -28.87
C CYS A 637 6.88 -13.58 -28.86
N TYR A 638 6.25 -12.89 -27.90
CA TYR A 638 5.59 -11.61 -28.16
C TYR A 638 6.63 -10.52 -27.99
N CYS A 639 6.65 -9.56 -28.90
CA CYS A 639 7.71 -8.56 -28.94
C CYS A 639 7.18 -7.16 -29.23
N ASP A 640 7.85 -6.16 -28.67
CA ASP A 640 7.72 -4.79 -29.14
C ASP A 640 8.17 -4.80 -30.59
N ILE A 641 7.60 -3.93 -31.41
CA ILE A 641 8.02 -3.82 -32.80
C ILE A 641 8.53 -2.42 -33.10
N SER A 642 9.47 -2.33 -34.03
CA SER A 642 10.00 -1.05 -34.48
C SER A 642 10.47 -1.17 -35.93
N ILE A 643 10.76 -0.03 -36.55
CA ILE A 643 11.22 -0.01 -37.92
C ILE A 643 12.75 0.01 -37.95
N ASP A 644 13.32 -0.91 -38.73
CA ASP A 644 14.77 -1.01 -38.88
C ASP A 644 15.35 0.37 -39.15
N PRO A 645 16.19 0.89 -38.24
CA PRO A 645 16.73 2.25 -38.41
C PRO A 645 17.58 2.36 -39.67
N GLU A 646 18.18 1.25 -40.07
CA GLU A 646 18.98 1.17 -41.28
C GLU A 646 18.09 1.03 -42.51
N ASP A 647 17.24 0.01 -42.51
CA ASP A 647 16.64 -0.49 -43.74
C ASP A 647 15.33 0.20 -44.14
N ASP A 648 14.46 0.47 -43.17
CA ASP A 648 13.16 1.13 -43.41
C ASP A 648 12.13 0.22 -44.11
N GLU A 649 12.59 -0.68 -44.98
CA GLU A 649 11.71 -1.69 -45.59
C GLU A 649 11.43 -2.84 -44.62
N ILE A 650 12.30 -3.00 -43.63
CA ILE A 650 12.18 -4.05 -42.63
C ILE A 650 11.61 -3.52 -41.32
N ARG A 651 10.65 -4.25 -40.74
CA ARG A 651 10.24 -4.01 -39.37
C ARG A 651 10.87 -5.08 -38.49
N GLU A 652 11.48 -4.66 -37.39
CA GLU A 652 12.21 -5.57 -36.52
C GLU A 652 11.42 -5.87 -35.26
N PHE A 653 11.53 -7.11 -34.80
CA PHE A 653 10.96 -7.51 -33.53
C PHE A 653 12.00 -7.25 -32.44
N VAL A 654 11.68 -6.31 -31.55
CA VAL A 654 12.52 -6.04 -30.39
C VAL A 654 12.16 -7.08 -29.33
N CYS A 655 12.98 -8.11 -29.20
CA CYS A 655 12.67 -9.23 -28.32
C CYS A 655 13.67 -9.37 -27.19
N HIS A 656 13.30 -8.84 -26.03
CA HIS A 656 14.03 -9.05 -24.79
C HIS A 656 13.17 -9.91 -23.93
N GLU A 657 13.49 -11.20 -23.90
CA GLU A 657 12.68 -12.20 -23.21
C GLU A 657 12.62 -11.95 -21.71
N GLY A 658 11.42 -11.69 -21.21
CA GLY A 658 11.20 -11.41 -19.79
C GLY A 658 9.74 -11.11 -19.50
N TYR A 659 9.46 -10.30 -18.48
CA TYR A 659 8.09 -10.00 -18.09
C TYR A 659 7.23 -9.42 -19.22
N VAL A 660 7.81 -8.55 -20.04
CA VAL A 660 7.07 -7.98 -21.16
C VAL A 660 6.60 -9.07 -22.12
N SER A 661 7.46 -10.07 -22.36
CA SER A 661 7.14 -11.18 -23.25
C SER A 661 5.98 -12.05 -22.75
N VAL A 662 5.88 -12.21 -21.43
CA VAL A 662 4.85 -13.06 -20.84
C VAL A 662 3.55 -12.32 -20.54
N LEU A 663 3.57 -11.00 -20.64
CA LEU A 663 2.42 -10.19 -20.21
C LEU A 663 1.11 -10.55 -20.91
N PRO A 664 1.15 -10.83 -22.24
CA PRO A 664 -0.07 -11.31 -22.90
C PRO A 664 -0.61 -12.61 -22.29
N PHE A 665 0.29 -13.49 -21.84
CA PHE A 665 -0.09 -14.70 -21.13
C PHE A 665 -0.63 -14.34 -19.76
N ALA A 666 0.15 -13.58 -19.00
CA ALA A 666 -0.19 -13.22 -17.62
C ALA A 666 -1.49 -12.43 -17.51
N LEU A 667 -1.84 -11.67 -18.55
CA LEU A 667 -3.10 -10.93 -18.57
C LEU A 667 -4.22 -11.69 -19.28
N LYS A 668 -3.98 -12.97 -19.57
CA LYS A 668 -4.99 -13.87 -20.15
C LYS A 668 -5.59 -13.34 -21.45
N LEU A 669 -4.73 -12.87 -22.36
CA LEU A 669 -5.16 -12.33 -23.65
C LEU A 669 -4.93 -13.28 -24.82
N ILE A 670 -4.07 -14.29 -24.62
CA ILE A 670 -3.83 -15.31 -25.65
C ILE A 670 -5.08 -16.19 -25.75
N PRO A 671 -5.49 -16.55 -26.98
CA PRO A 671 -6.67 -17.42 -27.07
C PRO A 671 -6.44 -18.76 -26.40
N LYS A 672 -7.45 -19.25 -25.66
CA LYS A 672 -7.39 -20.59 -25.08
C LYS A 672 -7.10 -21.59 -26.20
N ASN A 673 -6.29 -22.61 -25.89
CA ASN A 673 -5.89 -23.63 -26.87
C ASN A 673 -4.98 -23.13 -28.00
N SER A 674 -4.44 -21.92 -27.87
CA SER A 674 -3.52 -21.39 -28.86
C SER A 674 -2.21 -22.18 -28.82
N PRO A 675 -1.60 -22.45 -29.98
CA PRO A 675 -0.30 -23.14 -29.98
C PRO A 675 0.80 -22.34 -29.28
N LYS A 676 0.57 -21.04 -29.11
CA LYS A 676 1.55 -20.13 -28.49
C LYS A 676 1.69 -20.36 -26.98
N LEU A 677 0.62 -20.88 -26.34
CA LEU A 677 0.63 -21.13 -24.90
C LEU A 677 1.81 -22.02 -24.49
N GLU A 678 2.03 -23.08 -25.25
CA GLU A 678 3.11 -24.04 -24.95
C GLU A 678 4.48 -23.38 -25.01
N LYS A 679 4.64 -22.42 -25.92
CA LYS A 679 5.90 -21.71 -26.10
C LYS A 679 6.16 -20.72 -24.95
N VAL A 680 5.11 -20.06 -24.48
CA VAL A 680 5.21 -19.19 -23.31
C VAL A 680 5.55 -20.01 -22.07
N VAL A 681 4.88 -21.15 -21.90
CA VAL A 681 5.19 -22.07 -20.80
C VAL A 681 6.65 -22.53 -20.86
N ALA A 682 7.13 -22.83 -22.07
CA ALA A 682 8.51 -23.24 -22.29
C ALA A 682 9.49 -22.12 -21.93
N LEU A 683 9.15 -20.89 -22.29
CA LEU A 683 9.91 -19.71 -21.90
C LEU A 683 10.03 -19.62 -20.37
N MET A 684 8.89 -19.70 -19.69
CA MET A 684 8.84 -19.56 -18.24
C MET A 684 9.50 -20.72 -17.49
N SER A 685 9.59 -21.88 -18.13
CA SER A 685 10.17 -23.07 -17.51
C SER A 685 11.68 -23.20 -17.71
N ASP A 686 12.23 -22.44 -18.66
CA ASP A 686 13.64 -22.57 -19.03
C ASP A 686 14.58 -21.98 -17.97
N PRO A 687 15.40 -22.83 -17.31
CA PRO A 687 16.33 -22.32 -16.31
C PRO A 687 17.42 -21.42 -16.87
N GLU A 688 17.71 -21.56 -18.16
CA GLU A 688 18.69 -20.70 -18.83
C GLU A 688 18.13 -19.33 -19.19
N LYS A 689 16.82 -19.14 -19.08
CA LYS A 689 16.20 -17.86 -19.36
C LYS A 689 15.67 -17.20 -18.08
N ILE A 690 14.39 -17.42 -17.73
CA ILE A 690 13.80 -16.73 -16.57
C ILE A 690 13.32 -17.63 -15.42
N PHE A 691 13.42 -18.95 -15.57
CA PHE A 691 13.12 -19.83 -14.44
C PHE A 691 14.31 -19.88 -13.48
N SER A 692 14.04 -19.66 -12.20
CA SER A 692 15.03 -19.79 -11.16
C SER A 692 14.44 -20.59 -9.99
N ASP A 693 15.28 -20.86 -8.99
CA ASP A 693 14.82 -21.52 -7.77
C ASP A 693 14.03 -20.58 -6.85
N TYR A 694 13.92 -19.32 -7.22
CA TYR A 694 13.31 -18.30 -6.38
C TYR A 694 12.14 -17.57 -7.06
N GLY A 695 11.74 -18.04 -8.24
CA GLY A 695 10.66 -17.44 -9.00
C GLY A 695 11.08 -17.06 -10.40
N LEU A 696 10.19 -16.39 -11.12
CA LEU A 696 10.48 -15.94 -12.48
C LEU A 696 11.27 -14.64 -12.47
N LEU A 697 12.37 -14.64 -13.21
CA LEU A 697 13.23 -13.46 -13.34
C LEU A 697 12.58 -12.46 -14.29
N SER A 698 12.75 -11.16 -14.00
CA SER A 698 12.21 -10.10 -14.85
C SER A 698 12.79 -10.10 -16.26
N LEU A 699 14.03 -10.55 -16.40
CA LEU A 699 14.70 -10.56 -17.70
C LEU A 699 15.55 -11.84 -17.84
N SER A 700 15.52 -12.41 -19.04
CA SER A 700 16.26 -13.65 -19.33
C SER A 700 17.75 -13.50 -19.04
N ARG A 701 18.35 -14.57 -18.50
CA ARG A 701 19.79 -14.58 -18.24
C ARG A 701 20.59 -14.36 -19.54
N GLN A 702 20.03 -14.76 -20.67
CA GLN A 702 20.72 -14.66 -21.95
C GLN A 702 20.64 -13.28 -22.62
N ASP A 703 19.86 -12.37 -22.05
CA ASP A 703 19.69 -11.04 -22.65
C ASP A 703 20.93 -10.18 -22.46
N ASP A 704 21.18 -9.29 -23.43
CA ASP A 704 22.31 -8.37 -23.38
C ASP A 704 22.30 -7.50 -22.13
N TYR A 705 21.10 -7.15 -21.65
CA TYR A 705 20.94 -6.22 -20.54
C TYR A 705 20.90 -6.89 -19.15
N PHE A 706 20.90 -8.22 -19.10
CA PHE A 706 20.82 -8.92 -17.82
C PHE A 706 21.92 -8.48 -16.85
N GLY A 707 21.53 -8.07 -15.65
CA GLY A 707 22.46 -7.67 -14.61
C GLY A 707 23.06 -6.27 -14.76
N LYS A 708 22.75 -5.58 -15.84
CA LYS A 708 23.42 -4.33 -16.19
C LYS A 708 22.80 -3.11 -15.52
N ASP A 709 23.64 -2.10 -15.26
CA ASP A 709 23.22 -0.81 -14.71
C ASP A 709 22.55 -0.96 -13.34
N GLU A 710 21.40 -0.32 -13.13
CA GLU A 710 20.74 -0.31 -11.82
C GLU A 710 20.11 -1.65 -11.45
N ASN A 711 19.86 -2.50 -12.44
CA ASN A 711 19.45 -3.88 -12.21
C ASN A 711 18.18 -3.99 -11.36
N TYR A 712 17.11 -3.34 -11.84
CA TYR A 712 15.80 -3.43 -11.21
C TYR A 712 14.93 -4.45 -11.93
N TRP A 713 14.64 -4.17 -13.20
CA TRP A 713 13.83 -5.05 -14.04
C TRP A 713 14.67 -5.76 -15.05
N ARG A 714 15.95 -5.97 -14.72
CA ARG A 714 16.88 -6.65 -15.61
C ARG A 714 17.43 -7.92 -14.98
N GLY A 715 16.56 -8.65 -14.28
CA GLY A 715 16.94 -9.91 -13.65
C GLY A 715 16.16 -10.25 -12.39
N PRO A 716 16.11 -9.31 -11.42
CA PRO A 716 15.46 -9.58 -10.14
C PRO A 716 14.02 -10.09 -10.24
N ILE A 717 13.62 -10.89 -9.25
CA ILE A 717 12.29 -11.49 -9.21
C ILE A 717 11.31 -10.55 -8.51
N TRP A 718 10.17 -10.29 -9.14
CA TRP A 718 9.13 -9.44 -8.57
C TRP A 718 7.86 -10.22 -8.40
N MET A 719 7.25 -10.13 -7.21
CA MET A 719 6.06 -10.93 -6.91
C MET A 719 4.85 -10.56 -7.79
N ASN A 720 4.70 -9.27 -8.11
CA ASN A 720 3.52 -8.83 -8.88
C ASN A 720 3.32 -9.58 -10.19
N ILE A 721 4.37 -9.70 -11.00
CA ILE A 721 4.26 -10.40 -12.27
C ILE A 721 4.23 -11.92 -12.08
N ASN A 722 5.03 -12.42 -11.13
CA ASN A 722 4.99 -13.84 -10.76
C ASN A 722 3.57 -14.30 -10.40
N TYR A 723 2.85 -13.48 -9.63
CA TYR A 723 1.49 -13.83 -9.23
C TYR A 723 0.53 -13.91 -10.42
N LEU A 724 0.65 -12.95 -11.35
CA LEU A 724 -0.22 -12.94 -12.53
C LEU A 724 0.01 -14.19 -13.39
N CYS A 725 1.27 -14.60 -13.54
CA CYS A 725 1.59 -15.80 -14.29
C CYS A 725 0.95 -17.05 -13.67
N LEU A 726 1.03 -17.17 -12.34
CA LEU A 726 0.40 -18.30 -11.64
C LEU A 726 -1.10 -18.32 -11.88
N ASP A 727 -1.75 -17.17 -11.69
CA ASP A 727 -3.19 -17.03 -11.96
C ASP A 727 -3.53 -17.39 -13.41
N ALA A 728 -2.66 -17.02 -14.34
CA ALA A 728 -2.88 -17.31 -15.76
C ALA A 728 -2.78 -18.81 -16.06
N MET A 729 -1.84 -19.49 -15.40
N MET A 729 -1.88 -19.51 -15.38
CA MET A 729 -1.70 -20.95 -15.53
CA MET A 729 -1.70 -20.95 -15.56
C MET A 729 -3.01 -21.66 -15.21
C MET A 729 -2.93 -21.75 -15.12
N ARG A 730 -3.66 -21.24 -14.13
CA ARG A 730 -4.93 -21.85 -13.71
C ARG A 730 -6.02 -21.61 -14.76
N TYR A 731 -5.98 -20.46 -15.39
CA TYR A 731 -6.93 -20.10 -16.44
C TYR A 731 -6.73 -20.95 -17.70
N TYR A 732 -5.49 -21.06 -18.17
CA TYR A 732 -5.19 -21.78 -19.41
C TYR A 732 -5.06 -23.30 -19.21
N TYR A 733 -4.60 -23.71 -18.04
CA TYR A 733 -4.47 -25.14 -17.72
C TYR A 733 -5.24 -25.44 -16.44
N PRO A 734 -6.59 -25.47 -16.51
CA PRO A 734 -7.40 -25.66 -15.30
C PRO A 734 -7.09 -26.92 -14.50
N GLU A 735 -6.49 -27.93 -15.12
CA GLU A 735 -6.12 -29.16 -14.42
C GLU A 735 -5.02 -28.99 -13.36
N VAL A 736 -4.25 -27.91 -13.43
CA VAL A 736 -3.14 -27.70 -12.48
C VAL A 736 -3.61 -27.46 -11.04
N ILE A 737 -4.86 -27.09 -10.85
CA ILE A 737 -5.38 -26.86 -9.49
C ILE A 737 -5.59 -28.16 -8.71
N LEU A 738 -5.72 -29.28 -9.43
CA LEU A 738 -5.81 -30.59 -8.79
C LEU A 738 -4.43 -31.19 -8.56
N ASP A 739 -4.22 -31.73 -7.37
CA ASP A 739 -3.00 -32.47 -7.04
C ASP A 739 -3.30 -33.97 -7.09
N VAL A 740 -3.27 -34.54 -8.29
CA VAL A 740 -3.59 -35.95 -8.48
C VAL A 740 -2.33 -36.75 -8.80
N ALA A 741 -2.16 -37.87 -8.11
CA ALA A 741 -1.00 -38.74 -8.30
C ALA A 741 -0.98 -39.27 -9.73
N GLY A 742 0.18 -39.17 -10.38
CA GLY A 742 0.33 -39.60 -11.77
C GLY A 742 1.51 -38.93 -12.46
N GLU A 743 1.34 -38.62 -13.74
CA GLU A 743 2.39 -38.01 -14.55
C GLU A 743 2.09 -36.52 -14.74
N ALA A 744 3.03 -35.67 -14.33
CA ALA A 744 2.84 -34.23 -14.39
C ALA A 744 3.06 -33.69 -15.80
N SER A 745 2.07 -32.97 -16.32
CA SER A 745 2.22 -32.26 -17.59
C SER A 745 3.24 -31.13 -17.44
N ASN A 746 3.68 -30.57 -18.56
CA ASN A 746 4.63 -29.46 -18.51
C ASN A 746 4.07 -28.26 -17.74
N ALA A 747 2.79 -27.97 -17.97
CA ALA A 747 2.12 -26.87 -17.27
C ALA A 747 2.06 -27.09 -15.76
N LYS A 748 1.74 -28.31 -15.34
CA LYS A 748 1.67 -28.63 -13.91
C LYS A 748 3.05 -28.53 -13.25
N LYS A 749 4.08 -29.05 -13.93
CA LYS A 749 5.46 -28.97 -13.44
C LYS A 749 5.86 -27.53 -13.12
N LEU A 750 5.57 -26.63 -14.06
CA LEU A 750 5.88 -25.21 -13.88
C LEU A 750 5.05 -24.61 -12.75
N TYR A 751 3.73 -24.75 -12.86
CA TYR A 751 2.80 -24.21 -11.85
C TYR A 751 3.23 -24.61 -10.44
N GLN A 752 3.44 -25.91 -10.23
CA GLN A 752 3.81 -26.44 -8.92
C GLN A 752 5.14 -25.92 -8.39
N SER A 753 6.17 -25.93 -9.23
CA SER A 753 7.51 -25.53 -8.80
C SER A 753 7.62 -24.02 -8.55
N LEU A 754 6.91 -23.23 -9.34
CA LEU A 754 6.89 -21.78 -9.17
C LEU A 754 6.20 -21.40 -7.85
N LYS A 755 5.03 -21.98 -7.63
CA LYS A 755 4.29 -21.80 -6.38
C LYS A 755 5.13 -22.20 -5.17
N ILE A 756 5.79 -23.35 -5.27
CA ILE A 756 6.67 -23.84 -4.20
C ILE A 756 7.86 -22.91 -3.98
N ASN A 757 8.53 -22.53 -5.07
CA ASN A 757 9.73 -21.68 -4.98
C ASN A 757 9.46 -20.31 -4.39
N LEU A 758 8.38 -19.68 -4.84
CA LEU A 758 7.98 -18.37 -4.30
C LEU A 758 7.64 -18.47 -2.81
N SER A 759 6.78 -19.43 -2.46
CA SER A 759 6.36 -19.64 -1.07
C SER A 759 7.56 -19.89 -0.16
N ASN A 760 8.39 -20.85 -0.52
CA ASN A 760 9.58 -21.18 0.26
C ASN A 760 10.52 -19.98 0.44
N ASN A 761 10.83 -19.28 -0.64
CA ASN A 761 11.82 -18.21 -0.59
C ASN A 761 11.35 -16.95 0.13
N ILE A 762 10.12 -16.51 -0.16
CA ILE A 762 9.58 -15.32 0.49
C ILE A 762 9.47 -15.53 1.99
N TYR A 763 9.02 -16.72 2.40
CA TYR A 763 8.99 -17.07 3.82
C TYR A 763 10.40 -17.07 4.42
N LYS A 764 11.32 -17.76 3.76
CA LYS A 764 12.70 -17.89 4.26
C LYS A 764 13.36 -16.53 4.48
N VAL A 765 13.26 -15.65 3.49
CA VAL A 765 13.80 -14.29 3.60
C VAL A 765 13.09 -13.51 4.72
N TRP A 766 11.78 -13.68 4.83
CA TRP A 766 11.02 -13.06 5.93
C TRP A 766 11.45 -13.61 7.27
N GLU A 767 11.72 -14.91 7.33
CA GLU A 767 12.13 -15.57 8.57
C GLU A 767 13.55 -15.13 8.96
N GLU A 768 14.45 -15.13 7.98
CA GLU A 768 15.85 -14.76 8.21
C GLU A 768 16.05 -13.24 8.19
N GLN A 769 15.86 -12.63 7.03
CA GLN A 769 16.14 -11.20 6.84
C GLN A 769 15.16 -10.25 7.53
N GLY A 770 14.02 -10.78 7.98
CA GLY A 770 13.10 -10.02 8.84
C GLY A 770 11.75 -9.65 8.27
N TYR A 771 11.68 -9.42 6.95
CA TYR A 771 10.45 -8.90 6.32
C TYR A 771 10.30 -9.26 4.83
N CYS A 772 9.20 -8.82 4.25
CA CYS A 772 8.97 -8.91 2.81
C CYS A 772 9.71 -7.80 2.07
N TYR A 773 10.25 -8.13 0.90
CA TYR A 773 11.05 -7.19 0.11
C TYR A 773 10.37 -6.80 -1.20
N GLU A 774 10.81 -5.68 -1.76
CA GLU A 774 10.34 -5.19 -3.06
C GLU A 774 10.62 -6.18 -4.19
N ASN A 775 11.80 -6.78 -4.17
CA ASN A 775 12.17 -7.82 -5.14
C ASN A 775 13.22 -8.77 -4.58
N TYR A 776 13.56 -9.81 -5.33
CA TYR A 776 14.45 -10.86 -4.84
C TYR A 776 15.55 -11.21 -5.85
N SER A 777 16.70 -11.61 -5.33
CA SER A 777 17.90 -11.79 -6.14
C SER A 777 17.85 -13.07 -6.98
N PRO A 778 18.25 -12.98 -8.27
CA PRO A 778 18.38 -14.19 -9.09
C PRO A 778 19.55 -15.07 -8.64
N ILE A 779 20.51 -14.49 -7.94
CA ILE A 779 21.70 -15.19 -7.47
C ILE A 779 21.33 -16.27 -6.46
N ASP A 780 20.82 -15.85 -5.30
CA ASP A 780 20.50 -16.75 -4.20
C ASP A 780 19.15 -16.45 -3.53
N GLY A 781 18.30 -15.69 -4.20
CA GLY A 781 16.96 -15.40 -3.71
C GLY A 781 16.87 -14.46 -2.52
N HIS A 782 17.96 -13.75 -2.20
CA HIS A 782 17.93 -12.85 -1.04
C HIS A 782 17.15 -11.61 -1.34
N GLY A 783 16.53 -11.05 -0.29
CA GLY A 783 15.66 -9.90 -0.44
C GLY A 783 16.40 -8.63 -0.79
N THR A 784 15.89 -7.90 -1.76
CA THR A 784 16.50 -6.65 -2.22
C THR A 784 15.45 -5.57 -2.45
N GLY A 785 15.91 -4.33 -2.67
CA GLY A 785 15.02 -3.20 -2.80
C GLY A 785 14.46 -2.78 -1.45
N ALA A 786 13.32 -2.10 -1.47
CA ALA A 786 12.68 -1.61 -0.25
C ALA A 786 12.27 -2.74 0.69
N GLU A 787 12.43 -2.50 1.99
CA GLU A 787 12.02 -3.45 3.02
C GLU A 787 10.60 -3.15 3.47
N HIS A 788 10.01 -4.06 4.24
CA HIS A 788 8.61 -3.96 4.66
C HIS A 788 7.72 -3.69 3.49
N PHE A 789 7.91 -4.48 2.43
CA PHE A 789 7.21 -4.22 1.19
C PHE A 789 5.90 -4.99 1.10
N THR A 790 4.87 -4.45 1.76
CA THR A 790 3.53 -5.01 1.71
C THR A 790 2.52 -3.92 1.33
N GLY A 791 2.44 -3.55 0.04
CA GLY A 791 3.32 -4.04 -1.02
C GLY A 791 2.78 -5.26 -1.75
N TRP A 792 3.11 -5.40 -3.03
CA TRP A 792 2.62 -6.54 -3.83
C TRP A 792 3.20 -7.88 -3.42
N THR A 793 4.27 -7.86 -2.63
CA THR A 793 4.84 -9.10 -2.11
C THR A 793 3.88 -9.79 -1.15
N ALA A 794 2.91 -9.03 -0.60
CA ALA A 794 1.84 -9.59 0.22
C ALA A 794 0.90 -10.52 -0.54
N LEU A 795 1.02 -10.57 -1.87
CA LEU A 795 0.28 -11.55 -2.68
C LEU A 795 0.68 -13.00 -2.38
N VAL A 796 1.78 -13.19 -1.68
CA VAL A 796 2.16 -14.51 -1.16
C VAL A 796 1.06 -15.11 -0.27
N VAL A 797 0.27 -14.25 0.37
CA VAL A 797 -0.88 -14.71 1.16
C VAL A 797 -1.86 -15.53 0.32
N ASN A 798 -2.22 -15.04 -0.87
CA ASN A 798 -3.09 -15.78 -1.79
C ASN A 798 -2.49 -17.10 -2.26
N ILE A 799 -1.19 -17.07 -2.59
CA ILE A 799 -0.49 -18.26 -3.05
C ILE A 799 -0.55 -19.36 -1.99
N LEU A 800 -0.49 -18.97 -0.72
CA LEU A 800 -0.56 -19.90 0.40
C LEU A 800 -1.99 -20.32 0.75
N GLY A 801 -2.94 -19.39 0.68
CA GLY A 801 -4.26 -19.61 1.29
C GLY A 801 -5.52 -19.37 0.48
N ARG A 802 -5.41 -18.77 -0.70
CA ARG A 802 -6.60 -18.47 -1.52
C ARG A 802 -7.32 -19.78 -1.89
N PHE A 803 -8.64 -19.77 -1.82
CA PHE A 803 -9.44 -20.96 -2.04
C PHE A 803 -10.83 -20.63 -2.61
N ARG A 804 -11.08 -21.09 -3.83
CA ARG A 804 -12.38 -20.94 -4.48
C ARG A 804 -12.89 -19.50 -4.52
N SER A 805 -12.05 -18.59 -5.00
CA SER A 805 -12.46 -17.21 -5.24
C SER A 805 -13.48 -17.16 -6.37
N HIS A 806 -13.34 -18.09 -7.31
CA HIS A 806 -14.36 -18.36 -8.34
C HIS A 806 -15.65 -18.82 -7.71
N HIS A 807 -16.76 -18.53 -8.37
CA HIS A 807 -18.09 -18.94 -7.91
C HIS A 807 -18.81 -19.73 -8.96
N HIS A 808 -18.99 -21.02 -8.71
CA HIS A 808 -19.73 -21.91 -9.61
C HIS A 808 -21.01 -22.33 -8.95
N HIS A 809 -21.12 -23.59 -8.54
CA HIS A 809 -22.36 -24.15 -8.00
C HIS A 809 -22.05 -25.28 -7.04
N HIS A 810 -22.84 -25.39 -5.98
CA HIS A 810 -22.65 -26.45 -4.98
C HIS A 810 -23.93 -27.23 -4.74
N HIS A 811 -24.49 -27.75 -5.82
CA HIS A 811 -25.70 -28.57 -5.74
C HIS A 811 -25.42 -29.87 -5.07
#